data_9DEL
#
_entry.id   9DEL
#
_cell.length_a   74.913
_cell.length_b   69.417
_cell.length_c   76.408
_cell.angle_alpha   90.00
_cell.angle_beta   91.93
_cell.angle_gamma   90.00
#
_symmetry.space_group_name_H-M   'P 1 21 1'
#
loop_
_entity.id
_entity.type
_entity.pdbx_description
1 polymer 'Ubiquitin carboxyl-terminal hydrolase 7'
2 polymer 'Macrocycle peptide  MC03'
3 water water
#
loop_
_entity_poly.entity_id
_entity_poly.type
_entity_poly.pdbx_seq_one_letter_code
_entity_poly.pdbx_strand_id
1 'polypeptide(L)'
;MGSSHHHHHHSSGLVPRGSHMKKHTGYVGLKNQGATCYMNSLLQTLFFTNQLRKAVYMMPTEGDDSSKSVPLALQRVFYE
LQHSDKPVGTKKLTKSFGWETLDSFMQHDVQELCRVLLDNVENKMKGTCVEGTIPKLFRGKMVSYIQCKEVDYRSDRRED
YYDIQLSIKGKKNIFESFVDYVAVEQLDGDNKYDAGEHGLQEAEKGVKFLTLPPVLHLQLMRFMYDPQTDQNIKINDRFE
FPEQLPLDEFLQKTDPKDPANYILHAVLVHSGDNHGGHYVVYLNPKGDGKWCKFDDDVVSRCTKEEAIEHNYGGHDDDLS
VRHCTNAYMLVYIRESKLSEVLQAVTDHDIPQQLVERLQEEKRIEAQK
;
A,B
2 'polypeptide(L)' (ACE)FYYRGGWYSVNGYC D,C
#
# COMPACT_ATOMS: atom_id res chain seq x y z
N GLY A 26 17.09 13.53 10.10
CA GLY A 26 15.88 14.02 10.74
C GLY A 26 15.10 12.95 11.46
N TYR A 27 15.82 12.02 12.07
CA TYR A 27 15.22 10.91 12.82
C TYR A 27 15.57 11.05 14.29
N VAL A 28 14.57 10.90 15.15
CA VAL A 28 14.78 11.04 16.59
C VAL A 28 15.08 9.67 17.19
N GLY A 29 15.77 9.69 18.34
CA GLY A 29 16.20 8.47 18.99
C GLY A 29 15.32 8.10 20.17
N LEU A 30 15.79 7.10 20.91
CA LEU A 30 15.08 6.55 22.06
C LEU A 30 15.95 6.69 23.31
N LYS A 31 15.33 7.06 24.42
CA LYS A 31 16.05 7.17 25.68
C LYS A 31 16.58 5.80 26.11
N ASN A 32 17.74 5.82 26.76
CA ASN A 32 18.34 4.57 27.23
C ASN A 32 17.46 3.91 28.27
N GLN A 33 17.02 4.67 29.27
CA GLN A 33 16.15 4.21 30.36
C GLN A 33 16.79 2.98 31.00
N GLY A 34 16.06 1.91 31.23
CA GLY A 34 16.64 0.73 31.82
C GLY A 34 17.49 -0.02 30.80
N ALA A 35 17.85 -1.25 31.20
CA ALA A 35 18.63 -2.16 30.36
C ALA A 35 17.70 -2.86 29.39
N THR A 36 17.16 -2.07 28.45
CA THR A 36 16.26 -2.60 27.45
C THR A 36 16.97 -3.48 26.43
N CYS A 37 18.31 -3.48 26.41
CA CYS A 37 19.10 -4.34 25.53
C CYS A 37 18.74 -4.03 24.08
N TYR A 38 18.33 -5.01 23.28
CA TYR A 38 18.06 -4.85 21.86
C TYR A 38 16.76 -4.14 21.55
N MET A 39 15.95 -3.81 22.57
CA MET A 39 14.61 -3.31 22.34
C MET A 39 14.63 -2.02 21.53
N ASN A 40 15.48 -1.06 21.92
CA ASN A 40 15.55 0.20 21.20
C ASN A 40 15.99 -0.01 19.75
N SER A 41 16.92 -0.93 19.53
CA SER A 41 17.31 -1.28 18.16
C SER A 41 16.14 -1.89 17.40
N LEU A 42 15.37 -2.76 18.06
CA LEU A 42 14.23 -3.38 17.39
C LEU A 42 13.11 -2.37 17.13
N LEU A 43 12.86 -1.47 18.08
CA LEU A 43 11.76 -0.52 17.93
C LEU A 43 11.97 0.38 16.72
N GLN A 44 13.21 0.87 16.53
CA GLN A 44 13.50 1.67 15.34
C GLN A 44 13.32 0.85 14.08
N THR A 45 13.73 -0.42 14.10
CA THR A 45 13.57 -1.27 12.93
C THR A 45 12.09 -1.46 12.59
N LEU A 46 11.26 -1.74 13.60
CA LEU A 46 9.83 -1.87 13.37
C LEU A 46 9.21 -0.53 12.98
N PHE A 47 9.69 0.56 13.57
CA PHE A 47 9.13 1.88 13.27
C PHE A 47 9.36 2.25 11.80
N PHE A 48 10.54 1.94 11.27
CA PHE A 48 10.84 2.30 9.89
C PHE A 48 10.32 1.28 8.89
N THR A 49 9.65 0.23 9.34
CA THR A 49 8.81 -0.59 8.47
C THR A 49 7.49 0.14 8.35
N ASN A 50 7.43 1.06 7.38
CA ASN A 50 6.34 2.04 7.34
C ASN A 50 4.98 1.37 7.20
N GLN A 51 4.89 0.31 6.40
CA GLN A 51 3.61 -0.37 6.23
C GLN A 51 3.11 -0.92 7.56
N LEU A 52 4.02 -1.43 8.40
CA LEU A 52 3.65 -1.83 9.75
C LEU A 52 3.21 -0.64 10.58
N ARG A 53 3.93 0.48 10.48
CA ARG A 53 3.62 1.64 11.32
C ARG A 53 2.25 2.20 11.02
N LYS A 54 1.89 2.30 9.73
CA LYS A 54 0.58 2.83 9.38
C LYS A 54 -0.54 1.93 9.89
N ALA A 55 -0.38 0.61 9.77
CA ALA A 55 -1.37 -0.32 10.30
C ALA A 55 -1.45 -0.24 11.82
N VAL A 56 -0.31 -0.04 12.48
CA VAL A 56 -0.30 0.10 13.93
C VAL A 56 -1.14 1.31 14.36
N TYR A 57 -1.01 2.43 13.64
CA TYR A 57 -1.83 3.60 13.94
C TYR A 57 -3.32 3.31 13.77
N MET A 58 -3.68 2.44 12.82
CA MET A 58 -5.08 2.15 12.55
C MET A 58 -5.69 1.20 13.58
N MET A 59 -4.91 0.67 14.50
CA MET A 59 -5.45 -0.25 15.49
C MET A 59 -6.46 0.47 16.39
N PRO A 60 -7.60 -0.16 16.69
CA PRO A 60 -8.67 0.50 17.46
C PRO A 60 -8.43 0.42 18.97
N THR A 61 -7.46 1.20 19.44
CA THR A 61 -7.12 1.27 20.87
C THR A 61 -7.94 2.32 21.62
N GLU A 62 -9.13 2.67 21.11
CA GLU A 62 -9.94 3.68 21.77
C GLU A 62 -10.36 3.26 23.17
N GLY A 63 -10.74 1.99 23.33
CA GLY A 63 -11.18 1.50 24.62
C GLY A 63 -10.13 0.79 25.44
N ASP A 64 -8.88 0.76 24.99
CA ASP A 64 -7.83 0.05 25.69
C ASP A 64 -7.32 0.86 26.88
N ASP A 65 -7.17 0.19 28.02
CA ASP A 65 -6.54 0.81 29.18
C ASP A 65 -5.03 0.82 28.99
N SER A 66 -4.41 1.98 29.22
CA SER A 66 -3.01 2.18 28.90
C SER A 66 -2.07 1.37 29.78
N SER A 67 -2.57 0.74 30.85
CA SER A 67 -1.69 -0.03 31.73
C SER A 67 -1.18 -1.29 31.04
N LYS A 68 -2.09 -2.12 30.53
CA LYS A 68 -1.73 -3.42 29.98
C LYS A 68 -1.93 -3.50 28.47
N SER A 69 -2.05 -2.37 27.79
CA SER A 69 -2.28 -2.34 26.34
C SER A 69 -0.93 -2.16 25.65
N VAL A 70 -0.38 -3.25 25.14
CA VAL A 70 0.85 -3.21 24.36
C VAL A 70 0.60 -2.61 22.97
N PRO A 71 -0.52 -2.91 22.29
CA PRO A 71 -0.76 -2.21 21.02
C PRO A 71 -0.82 -0.69 21.15
N LEU A 72 -1.42 -0.18 22.23
CA LEU A 72 -1.47 1.26 22.41
C LEU A 72 -0.10 1.84 22.69
N ALA A 73 0.72 1.15 23.49
CA ALA A 73 2.05 1.63 23.81
C ALA A 73 2.92 1.72 22.57
N LEU A 74 2.78 0.77 21.65
CA LEU A 74 3.53 0.84 20.40
C LEU A 74 3.11 2.04 19.57
N GLN A 75 1.81 2.38 19.61
CA GLN A 75 1.35 3.60 18.94
C GLN A 75 1.97 4.83 19.57
N ARG A 76 2.06 4.87 20.90
CA ARG A 76 2.66 6.01 21.57
C ARG A 76 4.14 6.16 21.23
N VAL A 77 4.87 5.05 21.18
CA VAL A 77 6.28 5.09 20.82
C VAL A 77 6.45 5.57 19.39
N PHE A 78 5.67 5.01 18.47
CA PHE A 78 5.77 5.39 17.07
C PHE A 78 5.38 6.85 16.85
N TYR A 79 4.32 7.30 17.54
CA TYR A 79 3.89 8.68 17.40
C TYR A 79 4.96 9.65 17.87
N GLU A 80 5.61 9.36 19.01
CA GLU A 80 6.69 10.21 19.48
C GLU A 80 7.89 10.15 18.55
N LEU A 81 8.20 8.97 18.01
CA LEU A 81 9.27 8.87 17.04
C LEU A 81 8.98 9.67 15.77
N GLN A 82 7.73 10.07 15.57
CA GLN A 82 7.33 10.81 14.39
C GLN A 82 7.20 12.32 14.62
N HIS A 83 6.81 12.74 15.82
CA HIS A 83 6.51 14.15 16.08
C HIS A 83 7.32 14.76 17.21
N SER A 84 8.35 14.10 17.71
CA SER A 84 9.13 14.61 18.83
C SER A 84 10.56 14.89 18.40
N ASP A 85 11.01 16.12 18.63
CA ASP A 85 12.43 16.43 18.53
C ASP A 85 13.20 15.91 19.75
N LYS A 86 12.54 15.88 20.91
CA LYS A 86 13.16 15.37 22.12
C LYS A 86 13.27 13.85 22.06
N PRO A 87 14.21 13.27 22.82
CA PRO A 87 14.31 11.80 22.84
C PRO A 87 13.03 11.15 23.31
N VAL A 88 12.74 9.98 22.76
CA VAL A 88 11.49 9.27 22.97
C VAL A 88 11.68 8.26 24.08
N GLY A 89 10.73 8.20 25.01
CA GLY A 89 10.76 7.26 26.11
C GLY A 89 9.97 6.00 25.82
N THR A 90 10.39 4.90 26.47
CA THR A 90 9.75 3.61 26.28
C THR A 90 9.35 2.97 27.61
N LYS A 91 9.18 3.77 28.66
CA LYS A 91 8.88 3.21 29.98
C LYS A 91 7.52 2.52 30.00
N LYS A 92 6.50 3.16 29.42
CA LYS A 92 5.17 2.57 29.41
C LYS A 92 5.12 1.30 28.58
N LEU A 93 5.86 1.26 27.47
CA LEU A 93 5.86 0.08 26.62
C LEU A 93 6.40 -1.15 27.35
N THR A 94 7.49 -0.98 28.10
CA THR A 94 8.07 -2.09 28.84
C THR A 94 7.07 -2.65 29.85
N LYS A 95 6.29 -1.78 30.47
CA LYS A 95 5.24 -2.24 31.38
C LYS A 95 4.14 -2.98 30.63
N SER A 96 3.91 -2.63 29.36
CA SER A 96 2.77 -3.17 28.63
C SER A 96 2.91 -4.68 28.42
N PHE A 97 4.07 -5.14 27.98
CA PHE A 97 4.29 -6.56 27.80
C PHE A 97 4.99 -7.20 29.00
N GLY A 98 5.16 -6.45 30.09
CA GLY A 98 5.55 -7.04 31.36
C GLY A 98 7.00 -7.44 31.50
N TRP A 99 7.91 -6.80 30.75
CA TRP A 99 9.33 -7.02 30.94
C TRP A 99 9.92 -5.90 31.82
N GLU A 100 9.55 -5.96 33.09
CA GLU A 100 9.95 -4.93 34.05
C GLU A 100 11.15 -5.32 34.91
N THR A 101 11.42 -6.62 35.06
CA THR A 101 12.56 -7.06 35.84
C THR A 101 13.86 -6.84 35.06
N LEU A 102 14.96 -6.74 35.82
CA LEU A 102 16.24 -6.35 35.22
C LEU A 102 16.72 -7.38 34.21
N ASP A 103 16.52 -8.67 34.50
CA ASP A 103 17.02 -9.74 33.65
C ASP A 103 16.06 -10.12 32.54
N SER A 104 14.86 -9.53 32.50
CA SER A 104 13.84 -9.93 31.52
C SER A 104 14.39 -9.90 30.10
N PHE A 105 15.00 -8.79 29.70
CA PHE A 105 15.60 -8.72 28.36
C PHE A 105 16.83 -9.61 28.27
N MET A 106 17.60 -9.72 29.34
CA MET A 106 18.81 -10.53 29.34
C MET A 106 18.51 -12.03 29.45
N GLN A 107 17.32 -12.41 29.88
CA GLN A 107 16.91 -13.81 29.81
C GLN A 107 16.19 -14.15 28.51
N HIS A 108 16.10 -13.20 27.58
CA HIS A 108 15.33 -13.39 26.36
C HIS A 108 16.17 -13.11 25.12
N ASP A 109 15.52 -13.07 23.96
CA ASP A 109 16.19 -12.93 22.68
C ASP A 109 15.47 -11.89 21.84
N VAL A 110 16.17 -11.37 20.83
CA VAL A 110 15.63 -10.28 20.03
C VAL A 110 14.42 -10.75 19.20
N GLN A 111 14.47 -11.98 18.69
CA GLN A 111 13.32 -12.50 17.94
C GLN A 111 12.15 -12.79 18.86
N GLU A 112 12.43 -13.22 20.10
CA GLU A 112 11.36 -13.45 21.05
C GLU A 112 10.61 -12.16 21.38
N LEU A 113 11.35 -11.05 21.54
CA LEU A 113 10.70 -9.77 21.78
C LEU A 113 9.86 -9.35 20.58
N CYS A 114 10.35 -9.60 19.37
CA CYS A 114 9.61 -9.23 18.17
C CYS A 114 8.29 -9.99 18.08
N ARG A 115 8.30 -11.27 18.46
CA ARG A 115 7.07 -12.06 18.44
C ARG A 115 6.04 -11.50 19.41
N VAL A 116 6.47 -11.12 20.61
CA VAL A 116 5.53 -10.59 21.60
C VAL A 116 4.87 -9.33 21.08
N LEU A 117 5.66 -8.43 20.49
CA LEU A 117 5.11 -7.19 19.95
C LEU A 117 4.22 -7.45 18.74
N LEU A 118 4.70 -8.27 17.79
CA LEU A 118 3.97 -8.49 16.55
C LEU A 118 2.74 -9.37 16.72
N ASP A 119 2.78 -10.33 17.66
CA ASP A 119 1.58 -11.13 17.91
C ASP A 119 0.47 -10.29 18.53
N ASN A 120 0.83 -9.40 19.46
CA ASN A 120 -0.18 -8.56 20.11
C ASN A 120 -0.85 -7.62 19.11
N VAL A 121 -0.06 -7.00 18.24
CA VAL A 121 -0.65 -6.09 17.25
C VAL A 121 -1.43 -6.87 16.19
N GLU A 122 -1.00 -8.11 15.87
CA GLU A 122 -1.73 -8.91 14.90
C GLU A 122 -3.11 -9.26 15.41
N ASN A 123 -3.22 -9.63 16.70
CA ASN A 123 -4.53 -9.88 17.29
C ASN A 123 -5.37 -8.61 17.30
N LYS A 124 -4.74 -7.46 17.57
CA LYS A 124 -5.46 -6.20 17.60
C LYS A 124 -6.04 -5.86 16.24
N MET A 125 -5.28 -6.11 15.17
CA MET A 125 -5.74 -5.82 13.82
C MET A 125 -6.78 -6.81 13.31
N LYS A 126 -7.00 -7.91 14.03
CA LYS A 126 -8.01 -8.87 13.61
C LYS A 126 -9.40 -8.23 13.63
N GLY A 127 -10.15 -8.45 12.55
CA GLY A 127 -11.45 -7.82 12.42
C GLY A 127 -11.41 -6.37 12.00
N THR A 128 -10.29 -5.89 11.47
CA THR A 128 -10.13 -4.51 11.03
C THR A 128 -9.73 -4.48 9.56
N CYS A 129 -9.53 -3.27 9.04
CA CYS A 129 -9.09 -3.11 7.66
C CYS A 129 -7.65 -3.56 7.45
N VAL A 130 -6.84 -3.60 8.50
CA VAL A 130 -5.44 -3.94 8.37
C VAL A 130 -5.18 -5.33 8.95
N GLU A 131 -6.19 -6.17 8.96
CA GLU A 131 -6.02 -7.54 9.43
C GLU A 131 -5.10 -8.31 8.49
N GLY A 132 -4.24 -9.14 9.07
CA GLY A 132 -3.28 -9.89 8.28
C GLY A 132 -2.04 -9.12 7.89
N THR A 133 -1.87 -7.88 8.39
CA THR A 133 -0.70 -7.10 8.05
C THR A 133 0.58 -7.77 8.54
N ILE A 134 0.57 -8.29 9.77
CA ILE A 134 1.75 -8.96 10.30
C ILE A 134 2.13 -10.19 9.51
N PRO A 135 1.22 -11.14 9.22
CA PRO A 135 1.60 -12.26 8.35
C PRO A 135 2.01 -11.83 6.95
N LYS A 136 1.39 -10.79 6.41
CA LYS A 136 1.69 -10.39 5.03
C LYS A 136 3.14 -9.91 4.91
N LEU A 137 3.62 -9.15 5.89
CA LEU A 137 4.96 -8.57 5.83
C LEU A 137 6.06 -9.50 6.30
N PHE A 138 5.81 -10.32 7.32
CA PHE A 138 6.88 -11.03 8.01
C PHE A 138 6.79 -12.55 7.92
N ARG A 139 5.74 -13.12 7.34
CA ARG A 139 5.53 -14.56 7.36
C ARG A 139 5.85 -15.17 6.00
N GLY A 140 6.57 -16.30 6.04
CA GLY A 140 6.85 -17.06 4.84
C GLY A 140 6.48 -18.53 5.04
N LYS A 141 6.57 -19.27 3.93
CA LYS A 141 6.20 -20.68 3.91
C LYS A 141 7.45 -21.55 3.77
N MET A 142 7.52 -22.60 4.59
CA MET A 142 8.67 -23.48 4.66
C MET A 142 8.21 -24.93 4.63
N VAL A 143 9.07 -25.80 4.10
CA VAL A 143 8.80 -27.23 4.03
C VAL A 143 9.93 -27.96 4.75
N SER A 144 9.57 -28.86 5.66
CA SER A 144 10.53 -29.72 6.34
C SER A 144 10.16 -31.17 6.02
N TYR A 145 11.14 -31.94 5.57
CA TYR A 145 10.85 -33.29 5.10
C TYR A 145 11.77 -34.31 5.77
N ILE A 146 11.23 -35.53 5.91
CA ILE A 146 12.05 -36.66 6.36
C ILE A 146 11.81 -37.87 5.46
N GLN A 147 12.74 -38.12 4.53
CA GLN A 147 12.62 -39.20 3.56
C GLN A 147 13.46 -40.39 4.00
N CYS A 148 12.79 -41.52 4.27
CA CYS A 148 13.50 -42.73 4.64
C CYS A 148 14.29 -43.27 3.46
N LYS A 149 15.57 -43.58 3.70
CA LYS A 149 16.42 -44.04 2.60
C LYS A 149 16.10 -45.47 2.21
N GLU A 150 15.80 -46.32 3.20
CA GLU A 150 15.60 -47.73 2.94
C GLU A 150 14.23 -48.02 2.33
N VAL A 151 13.16 -47.48 2.93
CA VAL A 151 11.80 -47.80 2.52
C VAL A 151 11.17 -46.58 1.87
N ASP A 152 9.98 -46.79 1.30
CA ASP A 152 9.26 -45.74 0.57
C ASP A 152 8.38 -44.93 1.52
N TYR A 153 9.04 -44.24 2.46
CA TYR A 153 8.36 -43.43 3.46
C TYR A 153 8.92 -42.01 3.41
N ARG A 154 8.02 -41.03 3.52
CA ARG A 154 8.41 -39.62 3.52
C ARG A 154 7.31 -38.78 4.13
N SER A 155 7.69 -37.88 5.02
CA SER A 155 6.79 -36.87 5.58
C SER A 155 7.22 -35.49 5.10
N ASP A 156 6.26 -34.63 4.82
CA ASP A 156 6.48 -33.36 4.14
C ASP A 156 5.74 -32.21 4.82
N ARG A 157 5.94 -32.10 6.14
CA ARG A 157 5.28 -31.04 6.90
C ARG A 157 5.66 -29.66 6.37
N ARG A 158 4.68 -28.76 6.37
CA ARG A 158 4.88 -27.36 6.02
C ARG A 158 4.66 -26.49 7.25
N GLU A 159 5.63 -25.65 7.57
CA GLU A 159 5.57 -24.78 8.73
C GLU A 159 5.83 -23.35 8.32
N ASP A 160 5.02 -22.42 8.82
CA ASP A 160 5.22 -21.01 8.57
C ASP A 160 6.26 -20.44 9.52
N TYR A 161 6.97 -19.42 9.06
CA TYR A 161 8.02 -18.78 9.85
C TYR A 161 7.89 -17.27 9.76
N TYR A 162 8.17 -16.60 10.87
CA TYR A 162 8.27 -15.15 10.91
C TYR A 162 9.71 -14.65 11.00
N ASP A 163 10.66 -15.54 11.31
CA ASP A 163 12.06 -15.18 11.39
C ASP A 163 12.91 -16.39 11.06
N ILE A 164 14.16 -16.14 10.69
CA ILE A 164 15.12 -17.19 10.36
C ILE A 164 16.36 -16.97 11.19
N GLN A 165 16.82 -18.02 11.87
CA GLN A 165 18.07 -17.99 12.62
C GLN A 165 19.12 -18.73 11.81
N LEU A 166 20.21 -18.04 11.49
CA LEU A 166 21.24 -18.57 10.61
C LEU A 166 22.54 -18.79 11.37
N SER A 167 23.26 -19.85 11.00
CA SER A 167 24.50 -20.22 11.67
C SER A 167 25.68 -19.45 11.07
N ILE A 168 26.46 -18.80 11.93
CA ILE A 168 27.66 -18.11 11.49
C ILE A 168 28.93 -18.91 11.81
N LYS A 169 28.88 -19.83 12.76
CA LYS A 169 30.06 -20.61 13.13
C LYS A 169 30.45 -21.53 11.98
N GLY A 170 31.66 -21.33 11.45
CA GLY A 170 32.14 -22.12 10.33
C GLY A 170 31.68 -21.64 8.97
N LYS A 171 30.88 -20.58 8.91
CA LYS A 171 30.39 -20.03 7.65
C LYS A 171 30.98 -18.65 7.43
N LYS A 172 31.36 -18.37 6.18
CA LYS A 172 32.02 -17.11 5.87
C LYS A 172 31.04 -15.99 5.54
N ASN A 173 29.98 -16.28 4.79
CA ASN A 173 29.00 -15.28 4.40
C ASN A 173 27.59 -15.84 4.61
N ILE A 174 26.59 -15.00 4.33
CA ILE A 174 25.20 -15.40 4.51
C ILE A 174 24.82 -16.50 3.52
N PHE A 175 25.50 -16.56 2.37
CA PHE A 175 25.21 -17.60 1.39
C PHE A 175 25.49 -18.98 1.97
N GLU A 176 26.62 -19.16 2.65
CA GLU A 176 26.94 -20.45 3.25
C GLU A 176 25.98 -20.78 4.39
N SER A 177 25.49 -19.77 5.12
CA SER A 177 24.49 -20.02 6.15
C SER A 177 23.21 -20.57 5.55
N PHE A 178 22.75 -19.98 4.44
CA PHE A 178 21.56 -20.51 3.77
C PHE A 178 21.84 -21.88 3.15
N VAL A 179 23.06 -22.11 2.67
CA VAL A 179 23.42 -23.44 2.18
C VAL A 179 23.35 -24.46 3.31
N ASP A 180 23.90 -24.11 4.47
CA ASP A 180 23.84 -25.01 5.61
C ASP A 180 22.42 -25.13 6.16
N TYR A 181 21.61 -24.09 5.98
CA TYR A 181 20.22 -24.14 6.45
C TYR A 181 19.42 -25.15 5.65
N VAL A 182 19.54 -25.14 4.32
CA VAL A 182 18.84 -26.09 3.47
C VAL A 182 19.62 -27.38 3.26
N ALA A 183 20.77 -27.53 3.90
CA ALA A 183 21.55 -28.75 3.79
C ALA A 183 20.81 -29.92 4.44
N VAL A 184 20.96 -31.10 3.86
CA VAL A 184 20.29 -32.29 4.36
C VAL A 184 21.03 -32.81 5.59
N GLU A 185 20.26 -33.29 6.57
CA GLU A 185 20.82 -33.91 7.77
C GLU A 185 20.63 -35.41 7.69
N GLN A 186 21.66 -36.16 8.06
CA GLN A 186 21.63 -37.61 7.99
C GLN A 186 21.16 -38.17 9.34
N LEU A 187 20.03 -38.87 9.32
CA LEU A 187 19.47 -39.48 10.53
C LEU A 187 19.87 -40.94 10.58
N ASP A 188 21.15 -41.16 10.88
CA ASP A 188 21.73 -42.50 10.95
C ASP A 188 22.22 -42.78 12.36
N GLY A 189 22.56 -44.05 12.60
CA GLY A 189 23.13 -44.46 13.87
C GLY A 189 22.15 -44.47 15.02
N ASP A 190 22.43 -43.65 16.04
CA ASP A 190 21.61 -43.57 17.23
C ASP A 190 20.45 -42.60 17.10
N ASN A 191 20.30 -41.95 15.94
CA ASN A 191 19.29 -40.92 15.74
C ASN A 191 18.51 -41.19 14.45
N LYS A 192 18.12 -42.45 14.27
CA LYS A 192 17.30 -42.81 13.11
C LYS A 192 15.87 -42.36 13.31
N TYR A 193 15.16 -42.21 12.19
CA TYR A 193 13.79 -41.70 12.19
C TYR A 193 12.81 -42.85 12.32
N ASP A 194 11.84 -42.70 13.23
CA ASP A 194 10.82 -43.71 13.46
C ASP A 194 9.73 -43.55 12.42
N ALA A 195 9.59 -44.55 11.54
CA ALA A 195 8.60 -44.52 10.48
C ALA A 195 7.34 -45.30 10.84
N GLY A 196 7.19 -45.72 12.09
CA GLY A 196 6.00 -46.40 12.55
C GLY A 196 5.83 -47.79 11.96
N GLU A 197 4.85 -47.95 11.07
CA GLU A 197 4.60 -49.26 10.47
C GLU A 197 5.79 -49.71 9.63
N HIS A 198 6.48 -48.78 8.97
CA HIS A 198 7.69 -49.14 8.25
C HIS A 198 8.85 -49.47 9.18
N GLY A 199 8.81 -49.00 10.42
CA GLY A 199 9.84 -49.29 11.39
C GLY A 199 10.93 -48.23 11.44
N LEU A 200 11.84 -48.42 12.39
CA LEU A 200 12.97 -47.51 12.54
C LEU A 200 13.96 -47.72 11.40
N GLN A 201 14.22 -46.66 10.65
CA GLN A 201 15.07 -46.74 9.46
C GLN A 201 15.91 -45.49 9.33
N GLU A 202 16.95 -45.58 8.51
CA GLU A 202 17.82 -44.45 8.22
C GLU A 202 17.16 -43.52 7.22
N ALA A 203 17.30 -42.22 7.45
CA ALA A 203 16.60 -41.22 6.66
C ALA A 203 17.42 -39.94 6.60
N GLU A 204 16.97 -39.03 5.74
CA GLU A 204 17.54 -37.69 5.63
C GLU A 204 16.50 -36.65 6.02
N LYS A 205 16.93 -35.67 6.81
CA LYS A 205 16.06 -34.57 7.21
C LYS A 205 16.53 -33.29 6.55
N GLY A 206 15.58 -32.50 6.03
CA GLY A 206 15.92 -31.29 5.33
C GLY A 206 14.81 -30.26 5.40
N VAL A 207 15.17 -29.03 5.03
CA VAL A 207 14.26 -27.90 5.04
C VAL A 207 14.42 -27.13 3.74
N LYS A 208 13.30 -26.80 3.11
CA LYS A 208 13.29 -26.01 1.88
C LYS A 208 12.36 -24.81 2.06
N PHE A 209 12.66 -23.74 1.33
CA PHE A 209 11.89 -22.51 1.41
C PHE A 209 10.87 -22.46 0.27
N LEU A 210 9.60 -22.35 0.63
CA LEU A 210 8.53 -22.19 -0.36
C LEU A 210 8.33 -20.72 -0.73
N THR A 211 8.15 -19.87 0.27
CA THR A 211 7.98 -18.43 0.07
C THR A 211 8.89 -17.68 1.02
N LEU A 212 9.28 -16.47 0.61
CA LEU A 212 10.06 -15.58 1.44
C LEU A 212 9.27 -14.29 1.67
N PRO A 213 9.15 -13.83 2.91
CA PRO A 213 8.29 -12.68 3.19
C PRO A 213 8.85 -11.40 2.60
N PRO A 214 8.01 -10.40 2.33
CA PRO A 214 8.53 -9.12 1.85
C PRO A 214 9.54 -8.48 2.79
N VAL A 215 9.32 -8.61 4.10
CA VAL A 215 10.27 -8.15 5.10
C VAL A 215 10.88 -9.39 5.75
N LEU A 216 12.20 -9.52 5.64
CA LEU A 216 12.92 -10.73 6.04
C LEU A 216 13.75 -10.43 7.28
N HIS A 217 13.37 -11.03 8.41
CA HIS A 217 14.12 -10.92 9.65
C HIS A 217 15.10 -12.08 9.74
N LEU A 218 16.39 -11.77 9.72
CA LEU A 218 17.45 -12.77 9.76
C LEU A 218 18.31 -12.52 11.00
N GLN A 219 18.24 -13.45 11.96
CA GLN A 219 19.05 -13.38 13.16
C GLN A 219 20.24 -14.31 13.03
N LEU A 220 21.39 -13.85 13.49
CA LEU A 220 22.64 -14.61 13.41
C LEU A 220 22.95 -15.27 14.74
N MET A 221 23.35 -16.54 14.69
CA MET A 221 23.72 -17.30 15.89
C MET A 221 25.09 -16.83 16.34
N ARG A 222 25.13 -15.64 16.96
CA ARG A 222 26.38 -15.04 17.37
C ARG A 222 26.91 -15.61 18.69
N PHE A 223 26.16 -16.48 19.35
CA PHE A 223 26.57 -17.05 20.63
C PHE A 223 26.40 -18.56 20.62
N MET A 224 27.35 -19.26 21.24
CA MET A 224 27.26 -20.69 21.46
C MET A 224 27.16 -20.96 22.96
N TYR A 225 26.28 -21.88 23.33
CA TYR A 225 26.00 -22.19 24.73
C TYR A 225 26.45 -23.61 25.06
N ASP A 226 27.00 -23.77 26.27
CA ASP A 226 27.46 -25.07 26.74
C ASP A 226 26.52 -25.57 27.84
N PRO A 227 25.75 -26.65 27.60
CA PRO A 227 24.90 -27.19 28.68
C PRO A 227 25.68 -27.68 29.88
N GLN A 228 26.89 -28.20 29.67
CA GLN A 228 27.65 -28.78 30.77
C GLN A 228 28.11 -27.73 31.76
N THR A 229 28.71 -26.65 31.27
CA THR A 229 29.28 -25.61 32.13
C THR A 229 28.36 -24.40 32.30
N ASP A 230 27.23 -24.36 31.60
CA ASP A 230 26.29 -23.25 31.69
C ASP A 230 26.97 -21.91 31.43
N GLN A 231 27.70 -21.84 30.32
CA GLN A 231 28.41 -20.64 29.92
C GLN A 231 28.08 -20.29 28.48
N ASN A 232 27.92 -19.00 28.22
CA ASN A 232 27.66 -18.48 26.89
C ASN A 232 28.93 -17.88 26.31
N ILE A 233 29.30 -18.33 25.11
CA ILE A 233 30.52 -17.88 24.44
C ILE A 233 30.10 -17.19 23.14
N LYS A 234 30.57 -15.96 22.96
CA LYS A 234 30.25 -15.22 21.75
C LYS A 234 31.13 -15.67 20.60
N ILE A 235 30.55 -15.67 19.39
CA ILE A 235 31.28 -16.01 18.18
C ILE A 235 31.55 -14.71 17.41
N ASN A 236 32.70 -14.10 17.65
CA ASN A 236 33.07 -12.86 16.97
C ASN A 236 33.77 -13.12 15.63
N ASP A 237 33.58 -14.30 15.05
CA ASP A 237 34.18 -14.61 13.78
C ASP A 237 33.57 -13.76 12.67
N ARG A 238 34.35 -13.58 11.60
CA ARG A 238 33.91 -12.72 10.50
C ARG A 238 32.78 -13.39 9.73
N PHE A 239 31.64 -12.72 9.65
CA PHE A 239 30.49 -13.20 8.90
C PHE A 239 30.00 -12.09 7.99
N GLU A 240 29.91 -12.38 6.70
CA GLU A 240 29.60 -11.39 5.68
C GLU A 240 28.12 -11.39 5.34
N PHE A 241 27.56 -10.20 5.18
CA PHE A 241 26.22 -10.02 4.65
C PHE A 241 26.26 -8.97 3.56
N PRO A 242 25.59 -9.21 2.44
CA PRO A 242 25.64 -8.28 1.31
C PRO A 242 24.57 -7.21 1.39
N GLU A 243 24.83 -6.11 0.69
CA GLU A 243 23.82 -5.07 0.53
C GLU A 243 22.60 -5.60 -0.22
N GLN A 244 22.84 -6.38 -1.26
CA GLN A 244 21.77 -7.01 -2.05
C GLN A 244 21.92 -8.52 -1.95
N LEU A 245 20.82 -9.19 -1.62
CA LEU A 245 20.83 -10.61 -1.29
C LEU A 245 20.00 -11.41 -2.28
N PRO A 246 20.60 -12.17 -3.19
CA PRO A 246 19.82 -13.05 -4.08
C PRO A 246 19.49 -14.37 -3.39
N LEU A 247 18.19 -14.64 -3.24
CA LEU A 247 17.74 -15.86 -2.57
C LEU A 247 16.83 -16.72 -3.44
N ASP A 248 16.78 -16.46 -4.75
CA ASP A 248 15.98 -17.30 -5.63
C ASP A 248 16.49 -18.73 -5.67
N GLU A 249 17.79 -18.92 -5.46
CA GLU A 249 18.37 -20.26 -5.53
C GLU A 249 17.79 -21.17 -4.45
N PHE A 250 17.64 -20.65 -3.23
CA PHE A 250 17.19 -21.48 -2.11
C PHE A 250 15.68 -21.70 -2.08
N LEU A 251 14.93 -21.04 -2.97
CA LEU A 251 13.51 -21.34 -3.10
C LEU A 251 13.31 -22.70 -3.75
N GLN A 252 12.27 -23.42 -3.31
CA GLN A 252 11.96 -24.70 -3.95
C GLN A 252 11.56 -24.49 -5.41
N LYS A 253 10.72 -23.51 -5.68
CA LYS A 253 10.32 -23.16 -7.04
C LYS A 253 10.47 -21.66 -7.22
N THR A 254 11.20 -21.26 -8.25
CA THR A 254 11.40 -19.84 -8.52
C THR A 254 10.21 -19.27 -9.28
N ASP A 255 10.08 -17.95 -9.21
CA ASP A 255 8.98 -17.24 -9.86
C ASP A 255 9.53 -16.09 -10.69
N PRO A 256 9.42 -16.13 -12.01
CA PRO A 256 9.71 -14.95 -12.82
C PRO A 256 8.74 -13.83 -12.49
N LYS A 257 9.19 -12.59 -12.71
CA LYS A 257 8.52 -11.33 -12.42
C LYS A 257 8.55 -11.01 -10.93
N ASP A 258 9.07 -11.90 -10.08
CA ASP A 258 9.32 -11.58 -8.67
C ASP A 258 10.49 -12.42 -8.17
N PRO A 259 11.70 -12.13 -8.63
CA PRO A 259 12.87 -12.84 -8.10
C PRO A 259 13.09 -12.53 -6.63
N ALA A 260 13.66 -13.49 -5.92
CA ALA A 260 13.92 -13.35 -4.48
C ALA A 260 15.20 -12.56 -4.24
N ASN A 261 15.19 -11.31 -4.68
CA ASN A 261 16.29 -10.38 -4.46
C ASN A 261 15.89 -9.37 -3.39
N TYR A 262 16.73 -9.23 -2.37
CA TYR A 262 16.41 -8.42 -1.20
C TYR A 262 17.45 -7.35 -0.98
N ILE A 263 17.02 -6.24 -0.36
CA ILE A 263 17.87 -5.10 -0.09
C ILE A 263 18.02 -4.96 1.42
N LEU A 264 19.25 -4.72 1.88
CA LEU A 264 19.52 -4.60 3.30
C LEU A 264 18.91 -3.30 3.84
N HIS A 265 18.12 -3.43 4.89
CA HIS A 265 17.44 -2.28 5.50
C HIS A 265 18.02 -1.91 6.85
N ALA A 266 18.22 -2.89 7.74
CA ALA A 266 18.71 -2.61 9.09
C ALA A 266 19.78 -3.61 9.46
N VAL A 267 20.72 -3.16 10.28
CA VAL A 267 21.80 -4.00 10.81
C VAL A 267 21.86 -3.76 12.31
N LEU A 268 21.38 -4.73 13.08
CA LEU A 268 21.40 -4.66 14.54
C LEU A 268 22.73 -5.19 15.05
N VAL A 269 23.44 -4.38 15.82
CA VAL A 269 24.82 -4.65 16.21
C VAL A 269 24.93 -4.68 17.73
N HIS A 270 25.72 -5.61 18.24
CA HIS A 270 26.03 -5.71 19.67
C HIS A 270 27.54 -5.71 19.83
N SER A 271 28.06 -4.74 20.58
CA SER A 271 29.50 -4.57 20.73
C SER A 271 30.08 -5.34 21.91
N GLY A 272 29.28 -5.68 22.90
CA GLY A 272 29.78 -6.37 24.08
C GLY A 272 30.23 -7.79 23.78
N ASP A 273 30.84 -8.41 24.79
CA ASP A 273 31.31 -9.78 24.69
C ASP A 273 30.42 -10.76 25.45
N ASN A 274 29.26 -10.32 25.91
CA ASN A 274 28.32 -11.17 26.64
C ASN A 274 26.94 -10.56 26.49
N HIS A 275 25.94 -11.24 27.05
CA HIS A 275 24.59 -10.67 27.03
C HIS A 275 24.57 -9.39 27.84
N GLY A 276 24.09 -8.32 27.22
CA GLY A 276 24.23 -7.01 27.80
C GLY A 276 25.54 -6.36 27.36
N GLY A 277 25.52 -5.04 27.17
CA GLY A 277 26.66 -4.34 26.62
C GLY A 277 26.23 -3.11 25.86
N HIS A 278 26.64 -2.99 24.61
CA HIS A 278 26.24 -1.88 23.75
C HIS A 278 25.48 -2.43 22.55
N TYR A 279 24.18 -2.13 22.48
CA TYR A 279 23.33 -2.52 21.37
C TYR A 279 23.06 -1.29 20.51
N VAL A 280 23.38 -1.38 19.22
CA VAL A 280 23.25 -0.28 18.28
C VAL A 280 22.72 -0.84 16.97
N VAL A 281 21.88 -0.06 16.28
CA VAL A 281 21.30 -0.48 15.00
C VAL A 281 21.62 0.57 13.95
N TYR A 282 21.91 0.10 12.73
CA TYR A 282 22.13 0.97 11.58
C TYR A 282 21.00 0.76 10.59
N LEU A 283 20.50 1.86 10.01
CA LEU A 283 19.40 1.78 9.07
C LEU A 283 19.60 2.76 7.93
N ASN A 284 18.98 2.43 6.79
CA ASN A 284 18.73 3.36 5.69
C ASN A 284 17.22 3.36 5.49
N PRO A 285 16.50 4.19 6.25
CA PRO A 285 15.02 4.04 6.30
C PRO A 285 14.34 4.17 4.95
N LYS A 286 14.83 5.00 4.06
CA LYS A 286 14.20 5.20 2.76
C LYS A 286 14.63 4.15 1.73
N GLY A 287 15.53 3.24 2.08
CA GLY A 287 16.05 2.30 1.11
C GLY A 287 16.95 2.92 0.07
N ASP A 288 17.35 4.18 0.26
CA ASP A 288 18.15 4.92 -0.69
C ASP A 288 19.64 4.69 -0.52
N GLY A 289 20.05 3.90 0.46
CA GLY A 289 21.45 3.78 0.81
C GLY A 289 21.97 4.84 1.74
N LYS A 290 21.12 5.78 2.18
CA LYS A 290 21.52 6.80 3.14
C LYS A 290 21.47 6.19 4.53
N TRP A 291 22.62 5.75 5.03
CA TRP A 291 22.68 5.04 6.30
C TRP A 291 22.88 6.00 7.46
N CYS A 292 22.18 5.72 8.57
CA CYS A 292 22.33 6.47 9.81
C CYS A 292 22.56 5.48 10.95
N LYS A 293 23.26 5.95 11.98
CA LYS A 293 23.54 5.14 13.16
C LYS A 293 22.60 5.56 14.28
N PHE A 294 21.86 4.59 14.82
CA PHE A 294 20.91 4.82 15.90
C PHE A 294 21.51 4.26 17.19
N ASP A 295 22.08 5.14 18.01
CA ASP A 295 22.65 4.77 19.30
C ASP A 295 21.83 5.49 20.38
N ASP A 296 20.69 4.87 20.74
CA ASP A 296 19.77 5.42 21.72
C ASP A 296 19.45 6.89 21.46
N ASP A 297 19.94 7.77 22.33
CA ASP A 297 19.59 9.19 22.22
C ASP A 297 20.17 9.82 20.97
N VAL A 298 21.33 9.35 20.51
CA VAL A 298 22.07 10.00 19.43
C VAL A 298 21.79 9.25 18.13
N VAL A 299 21.24 9.96 17.16
CA VAL A 299 21.02 9.44 15.82
C VAL A 299 21.92 10.24 14.89
N SER A 300 23.04 9.65 14.48
CA SER A 300 24.03 10.33 13.65
C SER A 300 24.10 9.66 12.29
N ARG A 301 24.24 10.48 11.25
CA ARG A 301 24.47 9.96 9.92
C ARG A 301 25.79 9.21 9.88
N CYS A 302 25.81 8.08 9.16
CA CYS A 302 26.98 7.22 9.14
C CYS A 302 27.25 6.76 7.72
N THR A 303 28.40 6.14 7.54
CA THR A 303 28.83 5.64 6.24
C THR A 303 28.22 4.27 5.97
N LYS A 304 28.02 3.96 4.68
CA LYS A 304 27.73 2.59 4.29
C LYS A 304 28.81 1.65 4.80
N GLU A 305 30.07 2.12 4.80
CA GLU A 305 31.18 1.32 5.28
C GLU A 305 30.98 0.97 6.76
N GLU A 306 30.58 1.94 7.56
CA GLU A 306 30.34 1.70 8.99
C GLU A 306 29.14 0.81 9.23
N ALA A 307 28.24 0.70 8.26
CA ALA A 307 27.01 -0.09 8.38
C ALA A 307 27.23 -1.56 8.06
N ILE A 308 27.70 -1.84 6.84
CA ILE A 308 27.75 -3.22 6.35
C ILE A 308 29.04 -3.91 6.78
N GLU A 309 30.17 -3.44 6.28
CA GLU A 309 31.43 -4.18 6.40
C GLU A 309 32.04 -4.04 7.80
N HIS A 310 31.93 -2.86 8.41
CA HIS A 310 32.49 -2.66 9.74
C HIS A 310 31.81 -3.52 10.80
N ASN A 311 30.65 -4.10 10.48
CA ASN A 311 29.95 -5.00 11.39
C ASN A 311 30.05 -6.45 10.96
N TYR A 312 30.92 -6.77 9.99
CA TYR A 312 31.16 -8.16 9.63
C TYR A 312 31.81 -8.96 10.75
N GLY A 313 32.51 -8.30 11.66
CA GLY A 313 33.22 -8.97 12.72
C GLY A 313 34.63 -9.37 12.32
N GLY A 314 35.45 -9.62 13.33
CA GLY A 314 36.83 -10.02 13.13
C GLY A 314 37.67 -9.00 12.38
N CYS A 324 35.14 -5.70 18.25
CA CYS A 324 34.12 -6.06 19.21
C CYS A 324 32.73 -5.99 18.59
N THR A 325 32.50 -4.93 17.81
CA THR A 325 31.20 -4.73 17.20
C THR A 325 30.96 -5.75 16.09
N ASN A 326 29.79 -6.39 16.13
CA ASN A 326 29.38 -7.29 15.06
C ASN A 326 27.87 -7.43 15.08
N ALA A 327 27.31 -7.76 13.93
CA ALA A 327 25.86 -7.81 13.78
C ALA A 327 25.29 -9.11 14.34
N TYR A 328 24.13 -9.00 14.98
CA TYR A 328 23.39 -10.17 15.44
C TYR A 328 22.06 -10.36 14.72
N MET A 329 21.54 -9.32 14.06
CA MET A 329 20.28 -9.42 13.35
C MET A 329 20.33 -8.54 12.11
N LEU A 330 19.75 -9.02 11.02
CA LEU A 330 19.69 -8.28 9.77
C LEU A 330 18.25 -8.25 9.27
N VAL A 331 17.88 -7.15 8.62
CA VAL A 331 16.55 -6.98 8.06
C VAL A 331 16.71 -6.69 6.57
N TYR A 332 16.09 -7.53 5.74
CA TYR A 332 16.09 -7.36 4.30
C TYR A 332 14.67 -7.15 3.81
N ILE A 333 14.52 -6.32 2.79
CA ILE A 333 13.23 -6.02 2.18
C ILE A 333 13.30 -6.39 0.70
N ARG A 334 12.31 -7.13 0.23
CA ARG A 334 12.28 -7.53 -1.17
C ARG A 334 12.21 -6.30 -2.07
N GLU A 335 12.97 -6.34 -3.17
CA GLU A 335 13.10 -5.17 -4.03
C GLU A 335 11.76 -4.78 -4.65
N SER A 336 10.91 -5.76 -4.96
CA SER A 336 9.60 -5.45 -5.53
C SER A 336 8.74 -4.69 -4.53
N LYS A 337 8.79 -5.07 -3.26
CA LYS A 337 7.98 -4.45 -2.22
C LYS A 337 8.66 -3.26 -1.57
N LEU A 338 9.77 -2.78 -2.13
CA LEU A 338 10.55 -1.72 -1.49
C LEU A 338 9.74 -0.44 -1.33
N SER A 339 9.05 -0.03 -2.39
CA SER A 339 8.28 1.21 -2.33
C SER A 339 7.05 1.07 -1.43
N GLU A 340 6.39 -0.09 -1.50
CA GLU A 340 5.18 -0.28 -0.70
C GLU A 340 5.49 -0.43 0.77
N VAL A 341 6.50 -1.23 1.12
CA VAL A 341 6.86 -1.43 2.52
C VAL A 341 7.36 -0.11 3.12
N LEU A 342 8.26 0.57 2.42
CA LEU A 342 8.76 1.87 2.85
C LEU A 342 7.96 3.01 2.24
N GLN A 343 6.63 2.94 2.37
CA GLN A 343 5.77 3.97 1.83
C GLN A 343 5.82 5.21 2.71
N ALA A 344 5.62 6.36 2.07
CA ALA A 344 5.66 7.63 2.81
C ALA A 344 4.50 7.69 3.79
N VAL A 345 4.81 8.15 5.01
CA VAL A 345 3.82 8.27 6.08
C VAL A 345 3.68 9.75 6.43
N THR A 346 2.43 10.23 6.45
CA THR A 346 2.13 11.61 6.77
C THR A 346 1.50 11.70 8.15
N ASP A 347 1.43 12.93 8.67
CA ASP A 347 0.76 13.15 9.94
C ASP A 347 -0.73 12.89 9.85
N HIS A 348 -1.30 13.01 8.64
CA HIS A 348 -2.72 12.72 8.45
C HIS A 348 -3.01 11.23 8.54
N ASP A 349 -1.99 10.38 8.41
CA ASP A 349 -2.21 8.94 8.51
C ASP A 349 -2.60 8.53 9.93
N ILE A 350 -2.14 9.26 10.93
CA ILE A 350 -2.44 8.91 12.32
C ILE A 350 -3.84 9.40 12.66
N PRO A 351 -4.71 8.54 13.19
CA PRO A 351 -6.08 8.97 13.52
C PRO A 351 -6.06 10.08 14.56
N GLN A 352 -6.96 11.05 14.36
CA GLN A 352 -7.04 12.19 15.26
C GLN A 352 -7.40 11.76 16.68
N GLN A 353 -8.31 10.79 16.81
CA GLN A 353 -8.67 10.27 18.13
C GLN A 353 -7.42 9.82 18.89
N LEU A 354 -6.61 8.99 18.25
CA LEU A 354 -5.37 8.52 18.89
C LEU A 354 -4.44 9.68 19.20
N VAL A 355 -4.30 10.63 18.27
CA VAL A 355 -3.43 11.79 18.48
C VAL A 355 -3.90 12.60 19.69
N GLU A 356 -5.21 12.87 19.75
CA GLU A 356 -5.76 13.62 20.87
C GLU A 356 -5.60 12.85 22.18
N ARG A 357 -5.81 11.53 22.15
CA ARG A 357 -5.62 10.74 23.36
C ARG A 357 -4.16 10.80 23.83
N LEU A 358 -3.21 10.68 22.89
CA LEU A 358 -1.81 10.81 23.25
C LEU A 358 -1.48 12.24 23.68
N GLN A 359 -2.02 13.23 22.97
CA GLN A 359 -1.77 14.62 23.35
C GLN A 359 -2.31 14.94 24.72
N GLU A 360 -3.49 14.40 25.06
CA GLU A 360 -4.08 14.66 26.36
C GLU A 360 -3.20 14.13 27.49
N GLU A 361 -2.63 12.94 27.32
CA GLU A 361 -1.78 12.38 28.35
C GLU A 361 -0.53 13.22 28.56
N LYS A 362 0.04 13.74 27.48
CA LYS A 362 1.22 14.61 27.60
C LYS A 362 0.88 15.88 28.38
N ARG A 363 -0.31 16.43 28.15
CA ARG A 363 -0.73 17.64 28.87
C ARG A 363 -0.86 17.37 30.37
N ILE A 364 -1.40 16.20 30.74
CA ILE A 364 -1.63 15.89 32.14
C ILE A 364 -0.32 15.76 32.90
N GLU A 365 0.71 15.21 32.26
CA GLU A 365 2.02 15.01 32.88
C GLU A 365 2.57 16.27 33.53
N THR B 25 0.78 -9.18 -22.48
CA THR B 25 0.66 -7.95 -21.72
C THR B 25 0.32 -8.24 -20.25
N GLY B 26 -0.28 -9.41 -20.01
CA GLY B 26 -0.69 -9.80 -18.68
C GLY B 26 -1.99 -9.20 -18.22
N TYR B 27 -2.66 -8.40 -19.05
CA TYR B 27 -3.91 -7.74 -18.70
C TYR B 27 -4.98 -8.16 -19.69
N VAL B 28 -6.12 -8.60 -19.17
CA VAL B 28 -7.21 -9.08 -20.02
C VAL B 28 -8.13 -7.92 -20.35
N GLY B 29 -8.94 -8.10 -21.39
CA GLY B 29 -9.85 -7.08 -21.86
C GLY B 29 -11.30 -7.38 -21.56
N LEU B 30 -12.17 -6.52 -22.09
CA LEU B 30 -13.61 -6.58 -21.86
C LEU B 30 -14.32 -6.63 -23.20
N LYS B 31 -15.27 -7.56 -23.34
CA LYS B 31 -16.02 -7.70 -24.57
C LYS B 31 -16.97 -6.50 -24.77
N ASN B 32 -17.16 -6.14 -26.04
CA ASN B 32 -18.13 -5.10 -26.40
C ASN B 32 -19.49 -5.76 -26.64
N GLN B 33 -20.15 -6.10 -25.53
CA GLN B 33 -21.44 -6.77 -25.61
C GLN B 33 -22.54 -5.87 -26.14
N GLY B 34 -22.33 -4.56 -26.18
CA GLY B 34 -23.33 -3.65 -26.68
C GLY B 34 -22.88 -2.21 -26.81
N ALA B 35 -23.78 -1.28 -26.47
CA ALA B 35 -23.54 0.15 -26.60
C ALA B 35 -22.90 0.74 -25.34
N THR B 36 -22.22 -0.07 -24.53
CA THR B 36 -21.49 0.45 -23.38
C THR B 36 -20.30 1.24 -23.91
N CYS B 37 -20.43 2.58 -23.91
CA CYS B 37 -19.46 3.41 -24.62
C CYS B 37 -18.17 3.55 -23.81
N TYR B 38 -18.25 4.22 -22.66
CA TYR B 38 -17.10 4.48 -21.80
C TYR B 38 -16.96 3.45 -20.69
N MET B 39 -17.89 2.49 -20.60
CA MET B 39 -17.92 1.57 -19.47
C MET B 39 -16.64 0.74 -19.38
N ASN B 40 -16.24 0.13 -20.50
CA ASN B 40 -15.04 -0.72 -20.47
C ASN B 40 -13.80 0.09 -20.12
N SER B 41 -13.71 1.31 -20.64
CA SER B 41 -12.62 2.20 -20.27
C SER B 41 -12.65 2.52 -18.78
N LEU B 42 -13.84 2.81 -18.24
CA LEU B 42 -13.96 3.14 -16.83
C LEU B 42 -13.68 1.94 -15.95
N LEU B 43 -14.20 0.76 -16.33
CA LEU B 43 -14.02 -0.44 -15.52
C LEU B 43 -12.55 -0.78 -15.38
N GLN B 44 -11.79 -0.70 -16.48
CA GLN B 44 -10.35 -0.95 -16.40
C GLN B 44 -9.67 0.06 -15.49
N THR B 45 -10.07 1.33 -15.58
CA THR B 45 -9.50 2.36 -14.71
C THR B 45 -9.77 2.06 -13.24
N LEU B 46 -11.01 1.71 -12.91
CA LEU B 46 -11.35 1.40 -11.52
C LEU B 46 -10.70 0.09 -11.08
N PHE B 47 -10.59 -0.88 -11.98
CA PHE B 47 -9.95 -2.14 -11.65
C PHE B 47 -8.49 -1.95 -11.28
N PHE B 48 -7.80 -1.06 -11.98
CA PHE B 48 -6.39 -0.80 -11.71
C PHE B 48 -6.18 0.19 -10.57
N THR B 49 -7.25 0.69 -9.96
CA THR B 49 -7.16 1.35 -8.66
C THR B 49 -7.19 0.25 -7.61
N ASN B 50 -6.00 -0.32 -7.35
CA ASN B 50 -5.92 -1.57 -6.60
C ASN B 50 -6.49 -1.45 -5.19
N GLN B 51 -6.26 -0.30 -4.54
CA GLN B 51 -6.81 -0.09 -3.21
C GLN B 51 -8.34 -0.15 -3.24
N LEU B 52 -8.94 0.41 -4.28
CA LEU B 52 -10.39 0.27 -4.47
C LEU B 52 -10.77 -1.19 -4.71
N ARG B 53 -9.97 -1.90 -5.52
CA ARG B 53 -10.31 -3.27 -5.87
C ARG B 53 -10.33 -4.18 -4.64
N LYS B 54 -9.34 -4.03 -3.76
CA LYS B 54 -9.31 -4.86 -2.55
C LYS B 54 -10.50 -4.57 -1.66
N ALA B 55 -10.86 -3.29 -1.50
CA ALA B 55 -12.02 -2.94 -0.70
C ALA B 55 -13.31 -3.49 -1.32
N VAL B 56 -13.38 -3.48 -2.65
CA VAL B 56 -14.53 -4.07 -3.33
C VAL B 56 -14.63 -5.56 -3.04
N TYR B 57 -13.49 -6.26 -3.04
CA TYR B 57 -13.48 -7.69 -2.75
C TYR B 57 -13.95 -7.98 -1.33
N MET B 58 -13.74 -7.06 -0.40
CA MET B 58 -14.11 -7.26 1.00
C MET B 58 -15.56 -6.89 1.29
N MET B 59 -16.33 -6.46 0.30
CA MET B 59 -17.73 -6.14 0.53
C MET B 59 -18.51 -7.38 0.91
N PRO B 60 -19.45 -7.29 1.87
CA PRO B 60 -20.24 -8.45 2.30
C PRO B 60 -21.43 -8.76 1.39
N THR B 61 -21.13 -9.32 0.23
CA THR B 61 -22.14 -9.68 -0.76
C THR B 61 -22.62 -11.12 -0.63
N GLU B 62 -22.61 -11.67 0.59
CA GLU B 62 -23.00 -13.07 0.77
C GLU B 62 -24.48 -13.27 0.50
N GLY B 63 -25.33 -12.40 1.06
CA GLY B 63 -26.76 -12.57 0.98
C GLY B 63 -27.44 -11.74 -0.09
N ASP B 64 -26.69 -11.33 -1.11
CA ASP B 64 -27.21 -10.47 -2.16
C ASP B 64 -27.70 -11.30 -3.34
N ASP B 65 -28.84 -10.90 -3.91
CA ASP B 65 -29.30 -11.49 -5.15
C ASP B 65 -28.42 -11.02 -6.31
N SER B 66 -27.96 -11.97 -7.12
CA SER B 66 -26.98 -11.65 -8.15
C SER B 66 -27.54 -10.69 -9.19
N SER B 67 -28.83 -10.81 -9.52
CA SER B 67 -29.40 -9.99 -10.58
C SER B 67 -29.42 -8.51 -10.20
N LYS B 68 -29.77 -8.20 -8.95
CA LYS B 68 -29.98 -6.82 -8.54
C LYS B 68 -28.84 -6.24 -7.73
N SER B 69 -27.76 -6.97 -7.52
CA SER B 69 -26.64 -6.51 -6.69
C SER B 69 -25.52 -6.00 -7.61
N VAL B 70 -25.43 -4.69 -7.75
CA VAL B 70 -24.33 -4.05 -8.47
C VAL B 70 -23.01 -4.23 -7.72
N PRO B 71 -22.96 -4.13 -6.39
CA PRO B 71 -21.69 -4.44 -5.70
C PRO B 71 -21.18 -5.85 -5.98
N LEU B 72 -22.07 -6.84 -6.05
CA LEU B 72 -21.65 -8.18 -6.42
C LEU B 72 -21.23 -8.26 -7.87
N ALA B 73 -21.95 -7.54 -8.75
CA ALA B 73 -21.61 -7.54 -10.17
C ALA B 73 -20.22 -6.96 -10.40
N LEU B 74 -19.89 -5.87 -9.69
CA LEU B 74 -18.56 -5.29 -9.81
C LEU B 74 -17.49 -6.26 -9.31
N GLN B 75 -17.80 -7.00 -8.25
CA GLN B 75 -16.86 -8.02 -7.77
C GLN B 75 -16.61 -9.09 -8.83
N ARG B 76 -17.67 -9.52 -9.51
CA ARG B 76 -17.51 -10.53 -10.56
C ARG B 76 -16.64 -10.01 -11.70
N VAL B 77 -16.85 -8.76 -12.11
CA VAL B 77 -16.06 -8.19 -13.19
C VAL B 77 -14.59 -8.10 -12.80
N PHE B 78 -14.33 -7.59 -11.59
CA PHE B 78 -12.94 -7.47 -11.13
C PHE B 78 -12.29 -8.83 -10.97
N TYR B 79 -13.03 -9.81 -10.44
CA TYR B 79 -12.47 -11.15 -10.27
C TYR B 79 -12.08 -11.76 -11.62
N GLU B 80 -12.97 -11.64 -12.61
CA GLU B 80 -12.66 -12.18 -13.94
C GLU B 80 -11.54 -11.40 -14.61
N LEU B 81 -11.49 -10.08 -14.39
CA LEU B 81 -10.39 -9.30 -14.95
C LEU B 81 -9.04 -9.74 -14.39
N GLN B 82 -9.05 -10.32 -13.18
CA GLN B 82 -7.81 -10.84 -12.61
C GLN B 82 -7.42 -12.18 -13.20
N HIS B 83 -8.36 -13.14 -13.20
CA HIS B 83 -8.06 -14.53 -13.49
C HIS B 83 -8.32 -14.93 -14.93
N SER B 84 -9.41 -14.46 -15.54
CA SER B 84 -9.82 -14.96 -16.83
C SER B 84 -8.81 -14.58 -17.91
N ASP B 85 -8.36 -15.58 -18.67
CA ASP B 85 -7.57 -15.31 -19.86
C ASP B 85 -8.43 -14.85 -21.02
N LYS B 86 -9.66 -15.37 -21.11
CA LYS B 86 -10.60 -14.96 -22.13
C LYS B 86 -11.16 -13.58 -21.80
N PRO B 87 -11.62 -12.83 -22.81
CA PRO B 87 -12.20 -11.51 -22.54
C PRO B 87 -13.41 -11.61 -21.62
N VAL B 88 -13.58 -10.57 -20.81
CA VAL B 88 -14.56 -10.56 -19.73
C VAL B 88 -15.82 -9.81 -20.18
N GLY B 89 -16.98 -10.38 -19.87
CA GLY B 89 -18.24 -9.75 -20.21
C GLY B 89 -18.77 -8.82 -19.14
N THR B 90 -19.69 -7.95 -19.54
CA THR B 90 -20.28 -6.95 -18.65
C THR B 90 -21.80 -6.97 -18.68
N LYS B 91 -22.40 -8.07 -19.15
CA LYS B 91 -23.85 -8.11 -19.34
C LYS B 91 -24.60 -8.02 -18.01
N LYS B 92 -24.17 -8.82 -17.03
CA LYS B 92 -24.85 -8.83 -15.73
C LYS B 92 -24.72 -7.49 -15.01
N LEU B 93 -23.54 -6.87 -15.08
CA LEU B 93 -23.33 -5.60 -14.39
C LEU B 93 -24.25 -4.52 -14.92
N THR B 94 -24.40 -4.42 -16.24
CA THR B 94 -25.28 -3.42 -16.82
C THR B 94 -26.73 -3.63 -16.36
N LYS B 95 -27.14 -4.89 -16.18
CA LYS B 95 -28.47 -5.16 -15.66
C LYS B 95 -28.59 -4.73 -14.20
N SER B 96 -27.50 -4.81 -13.44
CA SER B 96 -27.56 -4.54 -12.01
C SER B 96 -27.94 -3.08 -11.73
N PHE B 97 -27.31 -2.14 -12.43
CA PHE B 97 -27.60 -0.73 -12.23
C PHE B 97 -28.58 -0.18 -13.27
N GLY B 98 -29.18 -1.04 -14.07
CA GLY B 98 -30.36 -0.67 -14.85
C GLY B 98 -30.11 0.00 -16.19
N TRP B 99 -28.88 0.03 -16.69
CA TRP B 99 -28.63 0.59 -18.01
C TRP B 99 -28.68 -0.49 -19.09
N GLU B 100 -29.80 -1.22 -19.12
CA GLU B 100 -30.03 -2.26 -20.12
C GLU B 100 -30.55 -1.70 -21.44
N THR B 101 -30.83 -0.42 -21.52
CA THR B 101 -31.42 0.17 -22.71
C THR B 101 -30.33 0.73 -23.63
N LEU B 102 -30.72 0.98 -24.89
CA LEU B 102 -29.79 1.49 -25.88
C LEU B 102 -29.25 2.85 -25.49
N ASP B 103 -30.14 3.83 -25.34
CA ASP B 103 -29.73 5.22 -25.15
C ASP B 103 -29.14 5.49 -23.78
N SER B 104 -29.24 4.55 -22.84
CA SER B 104 -28.82 4.81 -21.46
C SER B 104 -27.40 5.33 -21.39
N PHE B 105 -26.48 4.68 -22.09
CA PHE B 105 -25.10 5.19 -22.15
C PHE B 105 -25.00 6.43 -23.01
N MET B 106 -25.82 6.52 -24.07
CA MET B 106 -25.76 7.69 -24.95
C MET B 106 -26.21 8.95 -24.23
N GLN B 107 -27.25 8.86 -23.41
CA GLN B 107 -27.75 10.04 -22.71
C GLN B 107 -26.86 10.44 -21.53
N HIS B 108 -26.06 9.52 -21.01
CA HIS B 108 -25.33 9.75 -19.78
C HIS B 108 -23.87 10.12 -20.06
N ASP B 109 -23.10 10.25 -18.98
CA ASP B 109 -21.74 10.72 -19.02
C ASP B 109 -20.85 9.76 -18.23
N VAL B 110 -19.55 9.77 -18.55
CA VAL B 110 -18.62 8.86 -17.89
C VAL B 110 -18.56 9.14 -16.40
N GLN B 111 -18.59 10.42 -16.02
CA GLN B 111 -18.61 10.79 -14.60
C GLN B 111 -19.89 10.31 -13.93
N GLU B 112 -21.02 10.41 -14.62
CA GLU B 112 -22.28 9.98 -14.04
C GLU B 112 -22.29 8.47 -13.79
N LEU B 113 -21.70 7.70 -14.70
CA LEU B 113 -21.59 6.25 -14.48
C LEU B 113 -20.70 5.94 -13.29
N CYS B 114 -19.60 6.68 -13.15
CA CYS B 114 -18.70 6.45 -12.02
C CYS B 114 -19.39 6.72 -10.69
N ARG B 115 -20.24 7.75 -10.65
CA ARG B 115 -21.00 8.03 -9.44
C ARG B 115 -21.96 6.89 -9.11
N VAL B 116 -22.61 6.32 -10.13
CA VAL B 116 -23.53 5.20 -9.90
C VAL B 116 -22.77 4.02 -9.31
N LEU B 117 -21.61 3.70 -9.88
CA LEU B 117 -20.83 2.56 -9.40
C LEU B 117 -20.24 2.82 -8.02
N LEU B 118 -19.67 4.01 -7.81
CA LEU B 118 -18.98 4.26 -6.55
C LEU B 118 -19.94 4.52 -5.40
N ASP B 119 -21.10 5.12 -5.66
CA ASP B 119 -22.07 5.31 -4.58
C ASP B 119 -22.63 3.98 -4.11
N ASN B 120 -22.83 3.03 -5.03
CA ASN B 120 -23.32 1.72 -4.63
C ASN B 120 -22.33 1.01 -3.73
N VAL B 121 -21.04 0.99 -4.11
CA VAL B 121 -20.06 0.31 -3.29
C VAL B 121 -19.80 1.09 -2.00
N GLU B 122 -19.88 2.42 -2.04
CA GLU B 122 -19.70 3.21 -0.82
C GLU B 122 -20.79 2.90 0.19
N ASN B 123 -22.04 2.79 -0.27
CA ASN B 123 -23.14 2.41 0.62
C ASN B 123 -22.96 0.98 1.12
N LYS B 124 -22.51 0.07 0.24
CA LYS B 124 -22.33 -1.32 0.64
C LYS B 124 -21.21 -1.46 1.67
N MET B 125 -20.16 -0.67 1.55
CA MET B 125 -19.04 -0.73 2.49
C MET B 125 -19.35 -0.12 3.84
N LYS B 126 -20.48 0.60 3.98
CA LYS B 126 -20.81 1.20 5.26
C LYS B 126 -21.03 0.13 6.32
N GLY B 127 -20.50 0.37 7.52
CA GLY B 127 -20.58 -0.61 8.57
C GLY B 127 -19.63 -1.79 8.41
N THR B 128 -18.59 -1.65 7.59
CA THR B 128 -17.62 -2.70 7.35
C THR B 128 -16.22 -2.18 7.67
N CYS B 129 -15.25 -3.09 7.62
CA CYS B 129 -13.86 -2.72 7.86
C CYS B 129 -13.30 -1.81 6.77
N VAL B 130 -13.86 -1.86 5.57
CA VAL B 130 -13.42 -1.01 4.48
C VAL B 130 -14.35 0.20 4.30
N GLU B 131 -15.09 0.57 5.33
CA GLU B 131 -15.99 1.72 5.25
C GLU B 131 -15.21 3.01 5.03
N GLY B 132 -15.73 3.85 4.13
CA GLY B 132 -15.09 5.11 3.82
C GLY B 132 -13.97 5.02 2.81
N THR B 133 -13.78 3.88 2.16
CA THR B 133 -12.72 3.75 1.17
C THR B 133 -12.94 4.68 -0.01
N ILE B 134 -14.17 4.77 -0.51
CA ILE B 134 -14.45 5.62 -1.66
C ILE B 134 -14.17 7.10 -1.37
N PRO B 135 -14.66 7.67 -0.26
CA PRO B 135 -14.25 9.07 0.04
C PRO B 135 -12.76 9.23 0.24
N LYS B 136 -12.08 8.23 0.80
CA LYS B 136 -10.65 8.36 1.05
C LYS B 136 -9.86 8.50 -0.23
N LEU B 137 -10.29 7.81 -1.30
CA LEU B 137 -9.54 7.78 -2.54
C LEU B 137 -9.93 8.88 -3.52
N PHE B 138 -11.22 9.18 -3.63
CA PHE B 138 -11.73 10.01 -4.72
C PHE B 138 -12.32 11.34 -4.29
N ARG B 139 -12.43 11.61 -2.99
CA ARG B 139 -13.16 12.78 -2.49
C ARG B 139 -12.19 13.85 -2.04
N GLY B 140 -12.47 15.11 -2.44
CA GLY B 140 -11.68 16.24 -2.01
C GLY B 140 -12.58 17.34 -1.46
N LYS B 141 -11.93 18.36 -0.90
CA LYS B 141 -12.62 19.48 -0.27
C LYS B 141 -12.40 20.75 -1.08
N MET B 142 -13.46 21.53 -1.24
CA MET B 142 -13.42 22.74 -2.05
C MET B 142 -14.15 23.86 -1.33
N VAL B 143 -13.75 25.10 -1.62
CA VAL B 143 -14.34 26.28 -1.02
C VAL B 143 -14.95 27.14 -2.12
N SER B 144 -16.22 27.50 -1.95
CA SER B 144 -16.89 28.45 -2.83
C SER B 144 -17.21 29.71 -2.04
N TYR B 145 -16.83 30.85 -2.58
CA TYR B 145 -16.96 32.12 -1.88
C TYR B 145 -17.63 33.15 -2.78
N ILE B 146 -18.44 34.01 -2.16
CA ILE B 146 -19.10 35.12 -2.83
C ILE B 146 -18.75 36.38 -2.04
N GLN B 147 -17.72 37.10 -2.48
CA GLN B 147 -17.28 38.32 -1.81
C GLN B 147 -17.94 39.52 -2.45
N CYS B 148 -18.79 40.22 -1.69
CA CYS B 148 -19.43 41.43 -2.19
C CYS B 148 -18.40 42.53 -2.40
N LYS B 149 -18.62 43.32 -3.46
CA LYS B 149 -17.67 44.35 -3.84
C LYS B 149 -17.80 45.60 -2.95
N GLU B 150 -18.99 46.22 -2.95
CA GLU B 150 -19.16 47.47 -2.25
C GLU B 150 -19.14 47.28 -0.73
N VAL B 151 -20.08 46.52 -0.21
CA VAL B 151 -20.20 46.34 1.24
C VAL B 151 -19.45 45.08 1.65
N ASP B 152 -19.04 45.04 2.92
CA ASP B 152 -18.33 43.89 3.49
C ASP B 152 -19.32 42.78 3.78
N TYR B 153 -19.58 41.95 2.78
CA TYR B 153 -20.27 40.68 2.99
C TYR B 153 -19.57 39.60 2.18
N ARG B 154 -19.19 38.52 2.85
CA ARG B 154 -18.53 37.39 2.22
C ARG B 154 -19.17 36.10 2.71
N SER B 155 -19.67 35.29 1.79
CA SER B 155 -20.22 33.98 2.10
C SER B 155 -19.23 32.91 1.68
N ASP B 156 -18.86 32.04 2.62
CA ASP B 156 -17.94 30.94 2.36
C ASP B 156 -18.66 29.62 2.56
N ARG B 157 -18.57 28.74 1.57
CA ARG B 157 -19.22 27.44 1.61
C ARG B 157 -18.19 26.35 1.36
N ARG B 158 -18.38 25.22 2.02
CA ARG B 158 -17.54 24.04 1.83
C ARG B 158 -18.31 23.03 1.00
N GLU B 159 -17.78 22.69 -0.17
CA GLU B 159 -18.39 21.73 -1.08
C GLU B 159 -17.40 20.62 -1.39
N ASP B 160 -17.83 19.38 -1.19
CA ASP B 160 -16.99 18.22 -1.48
C ASP B 160 -17.21 17.75 -2.91
N TYR B 161 -16.16 17.17 -3.50
CA TYR B 161 -16.20 16.73 -4.88
C TYR B 161 -15.55 15.36 -5.00
N TYR B 162 -16.07 14.57 -5.95
CA TYR B 162 -15.46 13.30 -6.32
C TYR B 162 -14.84 13.34 -7.71
N ASP B 163 -15.18 14.34 -8.52
CA ASP B 163 -14.59 14.50 -9.85
C ASP B 163 -14.60 15.98 -10.20
N ILE B 164 -13.72 16.34 -11.14
CA ILE B 164 -13.58 17.71 -11.59
C ILE B 164 -13.76 17.75 -13.10
N GLN B 165 -14.62 18.65 -13.57
CA GLN B 165 -14.82 18.87 -15.00
C GLN B 165 -14.10 20.15 -15.40
N LEU B 166 -13.16 20.03 -16.35
CA LEU B 166 -12.29 21.13 -16.73
C LEU B 166 -12.63 21.61 -18.14
N SER B 167 -12.57 22.92 -18.33
CA SER B 167 -12.85 23.51 -19.64
C SER B 167 -11.67 23.33 -20.57
N ILE B 168 -11.97 22.99 -21.82
CA ILE B 168 -10.96 22.77 -22.85
C ILE B 168 -10.94 23.91 -23.87
N LYS B 169 -12.12 24.43 -24.21
CA LYS B 169 -12.21 25.47 -25.24
C LYS B 169 -11.45 26.72 -24.83
N GLY B 170 -10.52 27.15 -25.69
CA GLY B 170 -9.70 28.30 -25.42
C GLY B 170 -8.57 28.06 -24.43
N LYS B 171 -8.36 26.83 -23.99
CA LYS B 171 -7.35 26.50 -23.00
C LYS B 171 -6.30 25.63 -23.67
N LYS B 172 -5.04 26.05 -23.60
CA LYS B 172 -3.97 25.33 -24.27
C LYS B 172 -3.58 24.07 -23.52
N ASN B 173 -3.58 24.12 -22.19
CA ASN B 173 -3.12 23.02 -21.36
C ASN B 173 -3.99 22.93 -20.12
N ILE B 174 -3.75 21.88 -19.32
CA ILE B 174 -4.51 21.66 -18.09
C ILE B 174 -4.24 22.75 -17.06
N PHE B 175 -3.08 23.43 -17.13
CA PHE B 175 -2.80 24.52 -16.22
C PHE B 175 -3.77 25.67 -16.43
N GLU B 176 -4.04 26.02 -17.70
CA GLU B 176 -4.99 27.08 -17.98
C GLU B 176 -6.42 26.68 -17.61
N SER B 177 -6.74 25.38 -17.71
CA SER B 177 -8.05 24.91 -17.29
C SER B 177 -8.26 25.12 -15.79
N PHE B 178 -7.26 24.75 -14.99
CA PHE B 178 -7.36 24.97 -13.54
C PHE B 178 -7.42 26.44 -13.20
N VAL B 179 -6.65 27.28 -13.92
CA VAL B 179 -6.71 28.72 -13.70
C VAL B 179 -8.11 29.24 -13.98
N ASP B 180 -8.72 28.80 -15.09
CA ASP B 180 -10.09 29.17 -15.39
C ASP B 180 -11.07 28.60 -14.35
N TYR B 181 -10.73 27.45 -13.77
CA TYR B 181 -11.59 26.85 -12.75
C TYR B 181 -11.61 27.69 -11.48
N VAL B 182 -10.42 28.10 -11.00
CA VAL B 182 -10.34 28.91 -9.79
C VAL B 182 -10.49 30.40 -10.07
N ALA B 183 -10.72 30.78 -11.32
CA ALA B 183 -10.91 32.18 -11.66
C ALA B 183 -12.22 32.70 -11.08
N VAL B 184 -12.22 33.98 -10.71
CA VAL B 184 -13.38 34.61 -10.11
C VAL B 184 -14.39 34.95 -11.20
N GLU B 185 -15.66 34.77 -10.90
CA GLU B 185 -16.75 35.20 -11.77
C GLU B 185 -17.33 36.51 -11.25
N GLN B 186 -17.57 37.45 -12.17
CA GLN B 186 -18.04 38.78 -11.80
C GLN B 186 -19.56 38.79 -11.82
N LEU B 187 -20.16 38.63 -10.63
CA LEU B 187 -21.62 38.73 -10.47
C LEU B 187 -21.98 40.20 -10.32
N ASP B 188 -22.28 40.83 -11.46
CA ASP B 188 -22.62 42.25 -11.49
C ASP B 188 -23.76 42.48 -12.47
N GLY B 189 -24.43 43.62 -12.31
CA GLY B 189 -25.52 43.99 -13.18
C GLY B 189 -26.71 43.06 -13.07
N ASP B 190 -26.94 42.24 -14.09
CA ASP B 190 -28.06 41.32 -14.09
C ASP B 190 -27.92 40.28 -12.98
N ASN B 191 -26.75 39.67 -12.87
CA ASN B 191 -26.50 38.64 -11.86
C ASN B 191 -26.07 39.28 -10.53
N LYS B 192 -26.97 40.09 -9.99
CA LYS B 192 -26.71 40.76 -8.72
C LYS B 192 -26.86 39.75 -7.58
N TYR B 193 -25.81 39.63 -6.78
CA TYR B 193 -25.83 38.70 -5.66
C TYR B 193 -26.72 39.24 -4.54
N ASP B 194 -27.55 38.37 -3.98
CA ASP B 194 -28.46 38.75 -2.89
C ASP B 194 -27.72 38.60 -1.57
N ALA B 195 -27.21 39.73 -1.06
CA ALA B 195 -26.52 39.74 0.21
C ALA B 195 -27.46 39.79 1.41
N GLY B 196 -28.75 39.54 1.19
CA GLY B 196 -29.70 39.52 2.28
C GLY B 196 -29.91 40.86 2.94
N GLU B 197 -29.43 41.00 4.17
CA GLU B 197 -29.57 42.26 4.89
C GLU B 197 -28.84 43.41 4.19
N HIS B 198 -27.70 43.11 3.57
CA HIS B 198 -26.95 44.13 2.84
C HIS B 198 -27.57 44.47 1.49
N GLY B 199 -28.60 43.73 1.06
CA GLY B 199 -29.29 44.04 -0.18
C GLY B 199 -28.58 43.48 -1.40
N LEU B 200 -29.19 43.74 -2.56
CA LEU B 200 -28.61 43.31 -3.83
C LEU B 200 -27.35 44.12 -4.12
N GLN B 201 -26.19 43.48 -4.03
CA GLN B 201 -24.92 44.14 -4.28
C GLN B 201 -24.07 43.26 -5.19
N GLU B 202 -23.31 43.92 -6.07
CA GLU B 202 -22.43 43.21 -6.98
C GLU B 202 -21.32 42.51 -6.20
N ALA B 203 -20.96 41.31 -6.65
CA ALA B 203 -20.02 40.47 -5.93
C ALA B 203 -19.17 39.66 -6.90
N GLU B 204 -18.12 39.05 -6.37
CA GLU B 204 -17.26 38.14 -7.12
C GLU B 204 -17.45 36.73 -6.59
N LYS B 205 -17.70 35.79 -7.49
CA LYS B 205 -17.86 34.38 -7.16
C LYS B 205 -16.65 33.60 -7.64
N GLY B 206 -16.06 32.80 -6.74
CA GLY B 206 -14.89 32.03 -7.07
C GLY B 206 -14.88 30.72 -6.31
N VAL B 207 -13.98 29.83 -6.73
CA VAL B 207 -13.82 28.52 -6.11
C VAL B 207 -12.33 28.26 -5.91
N LYS B 208 -11.98 27.72 -4.74
CA LYS B 208 -10.60 27.42 -4.44
C LYS B 208 -10.51 26.02 -3.85
N PHE B 209 -9.36 25.38 -4.00
CA PHE B 209 -9.17 23.99 -3.59
C PHE B 209 -8.52 23.93 -2.20
N LEU B 210 -9.15 23.21 -1.28
CA LEU B 210 -8.55 22.95 0.02
C LEU B 210 -7.75 21.66 0.03
N THR B 211 -8.34 20.57 -0.44
CA THR B 211 -7.70 19.27 -0.47
C THR B 211 -7.87 18.66 -1.85
N LEU B 212 -6.93 17.79 -2.21
CA LEU B 212 -6.98 17.05 -3.45
C LEU B 212 -6.93 15.56 -3.15
N PRO B 213 -7.79 14.75 -3.74
CA PRO B 213 -7.85 13.32 -3.38
C PRO B 213 -6.63 12.58 -3.86
N PRO B 214 -6.31 11.43 -3.25
CA PRO B 214 -5.19 10.62 -3.78
C PRO B 214 -5.40 10.18 -5.21
N VAL B 215 -6.63 9.87 -5.60
CA VAL B 215 -6.97 9.52 -6.97
C VAL B 215 -7.82 10.65 -7.54
N LEU B 216 -7.30 11.35 -8.53
CA LEU B 216 -7.95 12.52 -9.11
C LEU B 216 -8.60 12.14 -10.43
N HIS B 217 -9.93 12.26 -10.50
CA HIS B 217 -10.68 12.01 -11.72
C HIS B 217 -10.98 13.36 -12.36
N LEU B 218 -10.35 13.61 -13.52
CA LEU B 218 -10.48 14.87 -14.24
C LEU B 218 -11.16 14.60 -15.57
N GLN B 219 -12.38 15.10 -15.74
CA GLN B 219 -13.10 15.02 -17.01
C GLN B 219 -12.92 16.30 -17.79
N LEU B 220 -12.85 16.19 -19.11
CA LEU B 220 -12.63 17.31 -20.01
C LEU B 220 -13.90 17.61 -20.80
N MET B 221 -14.25 18.90 -20.89
CA MET B 221 -15.45 19.33 -21.61
C MET B 221 -15.14 19.35 -23.10
N ARG B 222 -15.18 18.15 -23.70
CA ARG B 222 -14.84 17.98 -25.11
C ARG B 222 -16.04 18.18 -26.04
N PHE B 223 -17.22 18.48 -25.51
CA PHE B 223 -18.39 18.75 -26.32
C PHE B 223 -19.09 20.00 -25.83
N MET B 224 -19.76 20.68 -26.75
CA MET B 224 -20.61 21.83 -26.43
C MET B 224 -22.00 21.60 -27.00
N TYR B 225 -23.00 22.15 -26.33
CA TYR B 225 -24.40 21.98 -26.69
C TYR B 225 -25.05 23.33 -26.95
N ASP B 226 -25.82 23.40 -28.03
CA ASP B 226 -26.56 24.61 -28.38
C ASP B 226 -28.01 24.44 -27.95
N PRO B 227 -28.50 25.24 -26.99
CA PRO B 227 -29.91 25.09 -26.58
C PRO B 227 -30.89 25.63 -27.61
N GLN B 228 -30.57 26.75 -28.26
CA GLN B 228 -31.51 27.33 -29.23
C GLN B 228 -31.76 26.38 -30.39
N THR B 229 -30.70 25.75 -30.90
CA THR B 229 -30.81 24.70 -31.90
C THR B 229 -30.16 23.45 -31.32
N ASP B 230 -30.99 22.45 -31.01
CA ASP B 230 -30.51 21.29 -30.26
C ASP B 230 -29.46 20.53 -31.04
N GLN B 231 -28.21 20.65 -30.61
CA GLN B 231 -27.08 20.02 -31.30
C GLN B 231 -25.90 19.95 -30.35
N ASN B 232 -25.20 18.82 -30.36
CA ASN B 232 -23.96 18.62 -29.62
C ASN B 232 -22.80 18.63 -30.60
N ILE B 233 -21.83 19.51 -30.37
CA ILE B 233 -20.68 19.68 -31.25
C ILE B 233 -19.42 19.39 -30.45
N LYS B 234 -18.58 18.52 -30.99
CA LYS B 234 -17.34 18.16 -30.31
C LYS B 234 -16.29 19.25 -30.47
N ILE B 235 -15.45 19.38 -29.46
CA ILE B 235 -14.30 20.29 -29.47
C ILE B 235 -13.06 19.42 -29.66
N ASN B 236 -12.57 19.36 -30.89
CA ASN B 236 -11.36 18.61 -31.20
C ASN B 236 -10.10 19.48 -31.15
N ASP B 237 -10.17 20.62 -30.47
CA ASP B 237 -9.01 21.48 -30.35
C ASP B 237 -7.91 20.80 -29.52
N ARG B 238 -6.69 21.28 -29.70
CA ARG B 238 -5.54 20.70 -29.00
C ARG B 238 -5.58 21.08 -27.53
N PHE B 239 -5.59 20.08 -26.65
CA PHE B 239 -5.51 20.30 -25.22
C PHE B 239 -4.37 19.47 -24.65
N GLU B 240 -3.46 20.14 -23.94
CA GLU B 240 -2.20 19.56 -23.50
C GLU B 240 -2.32 19.12 -22.04
N PHE B 241 -1.97 17.87 -21.76
CA PHE B 241 -1.93 17.40 -20.38
C PHE B 241 -0.60 16.73 -20.09
N PRO B 242 -0.02 16.96 -18.92
CA PRO B 242 1.31 16.43 -18.62
C PRO B 242 1.27 15.08 -17.91
N GLU B 243 2.38 14.37 -18.01
CA GLU B 243 2.56 13.14 -17.25
C GLU B 243 2.61 13.42 -15.75
N GLN B 244 3.31 14.49 -15.36
CA GLN B 244 3.36 14.95 -13.98
C GLN B 244 2.60 16.26 -13.86
N LEU B 245 1.63 16.30 -12.95
CA LEU B 245 0.79 17.48 -12.78
C LEU B 245 1.03 18.11 -11.41
N PRO B 246 1.71 19.25 -11.33
CA PRO B 246 1.86 19.95 -10.05
C PRO B 246 0.68 20.85 -9.75
N LEU B 247 -0.04 20.56 -8.67
CA LEU B 247 -1.26 21.29 -8.32
C LEU B 247 -1.13 22.05 -7.01
N ASP B 248 0.09 22.19 -6.47
CA ASP B 248 0.27 22.91 -5.23
C ASP B 248 -0.17 24.37 -5.35
N GLU B 249 -0.01 24.96 -6.53
CA GLU B 249 -0.34 26.37 -6.71
C GLU B 249 -1.82 26.63 -6.47
N PHE B 250 -2.68 25.70 -6.88
CA PHE B 250 -4.12 25.84 -6.79
C PHE B 250 -4.69 25.44 -5.43
N LEU B 251 -3.85 24.92 -4.54
CA LEU B 251 -4.27 24.69 -3.15
C LEU B 251 -4.29 26.02 -2.40
N GLN B 252 -5.30 26.17 -1.54
CA GLN B 252 -5.38 27.38 -0.72
C GLN B 252 -4.20 27.48 0.23
N LYS B 253 -3.80 26.36 0.84
CA LYS B 253 -2.64 26.30 1.70
C LYS B 253 -1.79 25.11 1.30
N THR B 254 -0.55 25.38 0.90
CA THR B 254 0.36 24.31 0.49
C THR B 254 1.04 23.70 1.70
N ASP B 255 1.17 22.37 1.69
CA ASP B 255 1.80 21.65 2.79
C ASP B 255 3.13 21.07 2.33
N PRO B 256 4.26 21.52 2.86
CA PRO B 256 5.54 20.88 2.55
C PRO B 256 5.57 19.46 3.09
N LYS B 257 6.46 18.66 2.49
CA LYS B 257 6.60 17.22 2.72
C LYS B 257 5.47 16.45 2.07
N ASP B 258 4.48 17.13 1.48
CA ASP B 258 3.47 16.48 0.66
C ASP B 258 2.97 17.47 -0.39
N PRO B 259 3.77 17.71 -1.43
CA PRO B 259 3.31 18.58 -2.51
C PRO B 259 2.16 17.93 -3.28
N ALA B 260 1.33 18.78 -3.88
CA ALA B 260 0.21 18.31 -4.70
C ALA B 260 0.70 17.92 -6.10
N ASN B 261 1.66 17.00 -6.12
CA ASN B 261 2.23 16.48 -7.35
C ASN B 261 1.57 15.14 -7.69
N TYR B 262 1.10 15.02 -8.92
CA TYR B 262 0.32 13.86 -9.34
C TYR B 262 0.94 13.22 -10.58
N ILE B 263 0.70 11.92 -10.72
CA ILE B 263 1.24 11.12 -11.82
C ILE B 263 0.08 10.63 -12.66
N LEU B 264 0.20 10.79 -13.97
CA LEU B 264 -0.86 10.36 -14.88
C LEU B 264 -0.96 8.83 -14.88
N HIS B 265 -2.17 8.32 -14.63
CA HIS B 265 -2.41 6.89 -14.56
C HIS B 265 -3.23 6.35 -15.73
N ALA B 266 -4.25 7.08 -16.18
CA ALA B 266 -5.11 6.61 -17.26
C ALA B 266 -5.49 7.78 -18.16
N VAL B 267 -5.65 7.49 -19.44
CA VAL B 267 -6.10 8.45 -20.44
C VAL B 267 -7.25 7.82 -21.19
N LEU B 268 -8.47 8.29 -20.93
CA LEU B 268 -9.66 7.78 -21.59
C LEU B 268 -9.90 8.58 -22.86
N VAL B 269 -9.94 7.89 -24.00
CA VAL B 269 -9.89 8.50 -25.31
C VAL B 269 -11.15 8.11 -26.09
N HIS B 270 -11.75 9.08 -26.77
CA HIS B 270 -12.87 8.86 -27.66
C HIS B 270 -12.48 9.30 -29.07
N SER B 271 -12.90 8.52 -30.07
CA SER B 271 -12.64 8.84 -31.47
C SER B 271 -13.95 9.05 -32.19
N GLY B 272 -14.02 10.11 -32.99
CA GLY B 272 -15.26 10.42 -33.69
C GLY B 272 -15.78 11.81 -33.38
N ASP B 273 -17.05 12.11 -33.69
CA ASP B 273 -17.56 13.44 -33.40
C ASP B 273 -18.95 13.39 -32.78
N ASN B 274 -19.47 12.22 -32.44
CA ASN B 274 -20.75 12.04 -31.80
C ASN B 274 -20.55 11.27 -30.49
N HIS B 275 -21.61 11.19 -29.70
CA HIS B 275 -21.52 10.48 -28.42
C HIS B 275 -21.23 9.00 -28.61
N GLY B 276 -21.52 8.45 -29.79
CA GLY B 276 -21.10 7.11 -30.13
C GLY B 276 -19.80 7.12 -30.91
N GLY B 277 -19.24 5.93 -31.08
CA GLY B 277 -17.98 5.79 -31.79
C GLY B 277 -17.02 4.83 -31.12
N HIS B 278 -15.75 5.19 -31.08
CA HIS B 278 -14.70 4.34 -30.54
C HIS B 278 -14.19 4.93 -29.24
N TYR B 279 -14.32 4.17 -28.15
CA TYR B 279 -13.81 4.56 -26.84
C TYR B 279 -12.66 3.64 -26.47
N VAL B 280 -11.54 4.24 -26.05
CA VAL B 280 -10.32 3.51 -25.74
C VAL B 280 -9.64 4.18 -24.55
N VAL B 281 -9.09 3.36 -23.66
CA VAL B 281 -8.38 3.86 -22.49
C VAL B 281 -6.92 3.42 -22.58
N TYR B 282 -6.02 4.35 -22.27
CA TYR B 282 -4.59 4.07 -22.14
C TYR B 282 -4.22 4.08 -20.67
N LEU B 283 -3.44 3.09 -20.25
CA LEU B 283 -3.12 2.90 -18.84
C LEU B 283 -1.68 2.44 -18.67
N ASN B 284 -1.08 2.83 -17.55
CA ASN B 284 0.13 2.23 -17.02
C ASN B 284 -0.22 1.71 -15.63
N PRO B 285 -0.73 0.48 -15.53
CA PRO B 285 -1.35 0.04 -14.27
C PRO B 285 -0.44 0.09 -13.06
N LYS B 286 0.86 -0.18 -13.22
CA LYS B 286 1.79 -0.21 -12.11
C LYS B 286 2.41 1.15 -11.82
N GLY B 287 2.05 2.18 -12.57
CA GLY B 287 2.70 3.47 -12.41
C GLY B 287 4.15 3.48 -12.80
N ASP B 288 4.60 2.48 -13.55
CA ASP B 288 5.99 2.33 -13.94
C ASP B 288 6.34 3.11 -15.21
N GLY B 289 5.37 3.79 -15.82
CA GLY B 289 5.59 4.41 -17.10
C GLY B 289 5.43 3.48 -18.28
N LYS B 290 5.15 2.19 -18.03
CA LYS B 290 4.92 1.22 -19.10
C LYS B 290 3.45 1.25 -19.46
N TRP B 291 3.14 1.85 -20.60
CA TRP B 291 1.75 2.08 -21.00
C TRP B 291 1.22 0.93 -21.85
N CYS B 292 -0.07 0.65 -21.68
CA CYS B 292 -0.78 -0.33 -22.48
C CYS B 292 -2.08 0.29 -22.98
N LYS B 293 -2.51 -0.18 -24.16
CA LYS B 293 -3.77 0.27 -24.74
C LYS B 293 -4.83 -0.81 -24.54
N PHE B 294 -5.97 -0.42 -23.98
CA PHE B 294 -7.08 -1.33 -23.71
C PHE B 294 -8.21 -1.00 -24.69
N ASP B 295 -8.24 -1.70 -25.81
CA ASP B 295 -9.30 -1.54 -26.80
C ASP B 295 -10.21 -2.77 -26.69
N ASP B 296 -11.15 -2.70 -25.75
CA ASP B 296 -12.08 -3.79 -25.48
C ASP B 296 -11.38 -5.14 -25.33
N ASP B 297 -11.64 -6.06 -26.25
CA ASP B 297 -11.08 -7.40 -26.14
C ASP B 297 -9.57 -7.41 -26.37
N VAL B 298 -9.04 -6.44 -27.11
CA VAL B 298 -7.63 -6.40 -27.46
C VAL B 298 -6.91 -5.48 -26.49
N VAL B 299 -5.96 -6.04 -25.74
CA VAL B 299 -5.10 -5.29 -24.84
C VAL B 299 -3.69 -5.39 -25.39
N SER B 300 -3.15 -4.28 -25.88
CA SER B 300 -1.85 -4.24 -26.52
C SER B 300 -0.97 -3.19 -25.85
N ARG B 301 0.31 -3.51 -25.72
CA ARG B 301 1.27 -2.54 -25.20
C ARG B 301 1.47 -1.41 -26.20
N CYS B 302 1.63 -0.20 -25.69
CA CYS B 302 1.70 0.99 -26.53
C CYS B 302 2.82 1.90 -26.04
N THR B 303 3.16 2.87 -26.88
CA THR B 303 4.15 3.87 -26.55
C THR B 303 3.56 4.90 -25.58
N LYS B 304 4.44 5.54 -24.80
CA LYS B 304 4.00 6.63 -23.94
C LYS B 304 3.43 7.79 -24.76
N GLU B 305 4.01 8.06 -25.92
CA GLU B 305 3.51 9.14 -26.76
C GLU B 305 2.13 8.84 -27.30
N GLU B 306 1.88 7.59 -27.70
CA GLU B 306 0.54 7.21 -28.15
C GLU B 306 -0.48 7.36 -27.04
N ALA B 307 -0.06 7.30 -25.79
CA ALA B 307 -0.97 7.48 -24.67
C ALA B 307 -1.20 8.95 -24.36
N ILE B 308 -0.11 9.73 -24.26
CA ILE B 308 -0.21 11.10 -23.77
C ILE B 308 -0.34 12.10 -24.92
N GLU B 309 0.70 12.22 -25.75
CA GLU B 309 0.75 13.30 -26.71
C GLU B 309 -0.12 13.05 -27.93
N HIS B 310 -0.26 11.80 -28.35
CA HIS B 310 -1.11 11.49 -29.50
C HIS B 310 -2.59 11.73 -29.22
N ASN B 311 -2.95 11.95 -27.95
CA ASN B 311 -4.34 12.23 -27.56
C ASN B 311 -4.54 13.67 -27.12
N TYR B 312 -3.57 14.55 -27.41
CA TYR B 312 -3.74 15.96 -27.10
C TYR B 312 -4.83 16.61 -27.95
N GLY B 313 -5.14 16.05 -29.10
CA GLY B 313 -6.13 16.62 -29.98
C GLY B 313 -5.51 17.53 -31.04
N GLY B 314 -6.21 17.67 -32.15
CA GLY B 314 -5.76 18.52 -33.24
C GLY B 314 -6.89 18.88 -34.18
N HIS B 315 -6.89 20.12 -34.66
CA HIS B 315 -7.96 20.59 -35.55
C HIS B 315 -7.38 21.33 -36.75
N CYS B 324 -10.00 13.73 -34.75
CA CYS B 324 -11.22 13.11 -34.26
C CYS B 324 -10.96 12.28 -33.00
N THR B 325 -9.69 11.92 -32.78
CA THR B 325 -9.30 11.09 -31.66
C THR B 325 -8.60 11.95 -30.61
N ASN B 326 -9.16 12.00 -29.41
CA ASN B 326 -8.61 12.81 -28.33
C ASN B 326 -9.15 12.31 -27.00
N ALA B 327 -8.52 12.77 -25.92
CA ALA B 327 -8.88 12.34 -24.59
C ALA B 327 -10.07 13.13 -24.05
N TYR B 328 -10.90 12.44 -23.26
CA TYR B 328 -12.02 13.09 -22.58
C TYR B 328 -11.96 13.01 -21.06
N MET B 329 -11.24 12.03 -20.50
CA MET B 329 -11.09 11.91 -19.06
C MET B 329 -9.65 11.55 -18.73
N LEU B 330 -9.14 12.11 -17.63
CA LEU B 330 -7.79 11.85 -17.17
C LEU B 330 -7.82 11.41 -15.71
N VAL B 331 -6.94 10.49 -15.35
CA VAL B 331 -6.84 9.98 -13.99
C VAL B 331 -5.43 10.23 -13.48
N TYR B 332 -5.33 10.92 -12.35
CA TYR B 332 -4.05 11.23 -11.72
C TYR B 332 -4.02 10.65 -10.31
N ILE B 333 -2.87 10.13 -9.92
CA ILE B 333 -2.65 9.57 -8.59
C ILE B 333 -1.56 10.37 -7.91
N ARG B 334 -1.81 10.79 -6.67
CA ARG B 334 -0.82 11.53 -5.92
C ARG B 334 0.45 10.69 -5.73
N GLU B 335 1.60 11.31 -5.95
CA GLU B 335 2.85 10.56 -6.00
C GLU B 335 3.18 9.93 -4.65
N SER B 336 2.86 10.61 -3.55
CA SER B 336 3.09 10.04 -2.22
C SER B 336 2.23 8.80 -2.01
N LYS B 337 0.97 8.84 -2.42
CA LYS B 337 0.06 7.71 -2.27
C LYS B 337 0.14 6.71 -3.41
N LEU B 338 1.14 6.83 -4.29
CA LEU B 338 1.22 5.97 -5.46
C LEU B 338 1.35 4.51 -5.07
N SER B 339 2.19 4.21 -4.09
CA SER B 339 2.43 2.81 -3.72
C SER B 339 1.21 2.19 -3.06
N GLU B 340 0.50 2.96 -2.22
CA GLU B 340 -0.65 2.39 -1.52
C GLU B 340 -1.86 2.23 -2.43
N VAL B 341 -2.07 3.17 -3.35
CA VAL B 341 -3.20 3.07 -4.27
C VAL B 341 -2.97 1.93 -5.26
N LEU B 342 -1.75 1.79 -5.75
CA LEU B 342 -1.38 0.73 -6.69
C LEU B 342 -0.74 -0.47 -5.99
N GLN B 343 -1.19 -0.77 -4.77
CA GLN B 343 -0.64 -1.89 -4.02
C GLN B 343 -0.89 -3.20 -4.75
N ALA B 344 0.00 -4.17 -4.51
CA ALA B 344 -0.14 -5.47 -5.16
C ALA B 344 -1.34 -6.22 -4.58
N VAL B 345 -2.16 -6.78 -5.46
CA VAL B 345 -3.33 -7.57 -5.09
C VAL B 345 -3.10 -9.00 -5.52
N THR B 346 -3.27 -9.93 -4.59
CA THR B 346 -3.10 -11.36 -4.86
C THR B 346 -4.45 -12.05 -4.86
N ASP B 347 -4.48 -13.25 -5.43
CA ASP B 347 -5.70 -14.05 -5.43
C ASP B 347 -6.11 -14.47 -4.03
N HIS B 348 -5.20 -14.37 -3.05
CA HIS B 348 -5.56 -14.64 -1.66
C HIS B 348 -6.45 -13.54 -1.11
N ASP B 349 -6.29 -12.31 -1.59
CA ASP B 349 -7.07 -11.18 -1.09
C ASP B 349 -8.56 -11.38 -1.33
N ILE B 350 -8.93 -12.05 -2.42
CA ILE B 350 -10.33 -12.32 -2.71
C ILE B 350 -10.81 -13.39 -1.73
N PRO B 351 -11.83 -13.10 -0.92
CA PRO B 351 -12.28 -14.09 0.06
C PRO B 351 -12.81 -15.35 -0.60
N GLN B 352 -12.62 -16.47 0.09
CA GLN B 352 -13.00 -17.77 -0.45
C GLN B 352 -14.49 -17.83 -0.74
N GLN B 353 -15.31 -17.23 0.13
CA GLN B 353 -16.75 -17.14 -0.11
C GLN B 353 -17.06 -16.53 -1.47
N LEU B 354 -16.40 -15.41 -1.78
CA LEU B 354 -16.60 -14.76 -3.07
C LEU B 354 -16.12 -15.64 -4.21
N VAL B 355 -14.95 -16.27 -4.06
CA VAL B 355 -14.44 -17.15 -5.09
C VAL B 355 -15.36 -18.35 -5.28
N GLU B 356 -15.83 -18.93 -4.18
CA GLU B 356 -16.72 -20.08 -4.25
C GLU B 356 -18.02 -19.74 -4.95
N ARG B 357 -18.60 -18.57 -4.64
CA ARG B 357 -19.85 -18.18 -5.28
C ARG B 357 -19.64 -17.89 -6.76
N LEU B 358 -18.61 -17.11 -7.09
CA LEU B 358 -18.35 -16.78 -8.49
C LEU B 358 -17.99 -18.02 -9.29
N GLN B 359 -17.15 -18.90 -8.73
CA GLN B 359 -16.81 -20.14 -9.42
C GLN B 359 -18.01 -21.06 -9.53
N GLU B 360 -18.90 -21.05 -8.54
CA GLU B 360 -20.10 -21.88 -8.61
C GLU B 360 -20.97 -21.49 -9.80
N GLU B 361 -21.23 -20.19 -9.96
CA GLU B 361 -22.02 -19.72 -11.10
C GLU B 361 -21.37 -20.14 -12.42
N LYS B 362 -20.04 -20.20 -12.46
CA LYS B 362 -19.35 -20.68 -13.65
C LYS B 362 -19.68 -22.15 -13.92
N ARG B 363 -19.78 -22.96 -12.87
CA ARG B 363 -20.21 -24.35 -13.03
C ARG B 363 -21.64 -24.41 -13.56
N ILE B 364 -22.55 -23.67 -12.94
CA ILE B 364 -23.95 -23.71 -13.33
C ILE B 364 -24.15 -23.22 -14.76
N GLU B 365 -23.22 -22.41 -15.27
CA GLU B 365 -23.30 -21.97 -16.65
C GLU B 365 -23.13 -23.13 -17.62
N ALA B 366 -22.62 -24.27 -17.14
CA ALA B 366 -22.47 -25.46 -17.96
C ALA B 366 -23.64 -26.41 -17.75
N PHE C 2 -24.20 20.07 -18.85
CA PHE C 2 -24.03 20.94 -17.69
C PHE C 2 -23.67 22.34 -18.14
N TYR C 3 -23.90 23.32 -17.26
CA TYR C 3 -23.66 24.72 -17.59
C TYR C 3 -22.38 25.19 -16.90
N TYR C 4 -21.47 25.76 -17.69
CA TYR C 4 -20.19 26.25 -17.20
C TYR C 4 -19.92 27.62 -17.79
N ARG C 5 -19.61 28.58 -16.92
CA ARG C 5 -19.40 29.96 -17.33
C ARG C 5 -20.59 30.50 -18.11
N GLY C 6 -20.51 30.48 -19.44
CA GLY C 6 -21.56 31.05 -20.25
C GLY C 6 -22.29 30.09 -21.17
N GLY C 7 -21.79 28.85 -21.30
CA GLY C 7 -22.37 27.90 -22.22
C GLY C 7 -22.57 26.54 -21.59
N TRP C 8 -23.31 25.69 -22.30
CA TRP C 8 -23.54 24.32 -21.89
C TRP C 8 -22.53 23.39 -22.56
N TYR C 9 -22.15 22.34 -21.83
CA TYR C 9 -21.12 21.43 -22.30
C TYR C 9 -21.41 20.02 -21.81
N SER C 10 -20.68 19.06 -22.38
CA SER C 10 -20.64 17.69 -21.91
C SER C 10 -19.29 17.10 -22.31
N VAL C 11 -18.92 15.99 -21.68
CA VAL C 11 -17.60 15.41 -21.91
C VAL C 11 -17.69 14.31 -22.96
N ASN C 12 -18.83 13.63 -23.04
CA ASN C 12 -18.98 12.51 -23.96
C ASN C 12 -19.95 12.79 -25.11
N GLY C 13 -20.65 13.91 -25.10
CA GLY C 13 -21.44 14.29 -26.27
C GLY C 13 -22.95 14.27 -26.14
N TYR C 14 -23.48 14.57 -24.96
CA TYR C 14 -24.92 14.65 -24.79
C TYR C 14 -25.23 15.56 -23.62
N CYS C 15 -26.16 16.48 -23.82
CA CYS C 15 -26.62 17.35 -22.74
C CYS C 15 -28.09 17.73 -22.95
N PHE D 2 18.53 -22.30 21.97
CA PHE D 2 17.88 -23.20 21.02
C PHE D 2 18.90 -24.15 20.43
N TYR D 3 18.44 -25.28 19.90
CA TYR D 3 19.32 -26.31 19.38
C TYR D 3 19.36 -26.26 17.85
N TYR D 4 20.53 -26.55 17.30
CA TYR D 4 20.73 -26.57 15.85
C TYR D 4 21.95 -27.42 15.54
N ARG D 5 21.83 -28.26 14.52
CA ARG D 5 22.87 -29.21 14.14
C ARG D 5 23.35 -30.05 15.32
N GLY D 6 24.52 -29.73 15.86
CA GLY D 6 25.08 -30.49 16.96
C GLY D 6 25.42 -29.66 18.18
N GLY D 7 24.66 -28.61 18.44
CA GLY D 7 24.92 -27.77 19.59
C GLY D 7 23.78 -26.81 19.83
N TRP D 8 23.90 -26.08 20.95
CA TRP D 8 22.92 -25.08 21.35
C TRP D 8 23.49 -23.69 21.15
N TYR D 9 22.66 -22.81 20.59
CA TYR D 9 23.10 -21.46 20.26
C TYR D 9 22.05 -20.45 20.70
N SER D 10 22.46 -19.19 20.71
CA SER D 10 21.55 -18.09 20.96
C SER D 10 22.07 -16.87 20.22
N VAL D 11 21.18 -15.91 19.96
CA VAL D 11 21.56 -14.59 19.47
C VAL D 11 21.35 -13.63 20.63
N ASN D 12 22.36 -12.80 20.90
CA ASN D 12 22.46 -11.90 22.06
C ASN D 12 22.94 -12.66 23.29
N GLY D 13 22.95 -14.00 23.26
CA GLY D 13 23.69 -14.78 24.23
C GLY D 13 23.03 -15.12 25.55
N TYR D 14 21.97 -15.93 25.51
CA TYR D 14 21.44 -16.52 26.72
C TYR D 14 20.71 -17.82 26.39
N CYS D 15 20.86 -18.80 27.27
CA CYS D 15 20.14 -20.06 27.14
C CYS D 15 19.96 -20.70 28.51
#